data_4O3M
#
_entry.id   4O3M
#
_cell.length_a   100.930
_cell.length_b   164.680
_cell.length_c   50.980
_cell.angle_alpha   90.00
_cell.angle_beta   90.14
_cell.angle_gamma   90.00
#
_symmetry.space_group_name_H-M   'C 1 2 1'
#
loop_
_entity.id
_entity.type
_entity.pdbx_description
1 polymer 'Bloom syndrome protein'
2 polymer "5'-D(*AP*GP*CP*GP*TP*CP*GP*AP*GP*AP*TP*CP*CP*AP*AP*G)-3'"
3 polymer "5'-D(*CP*TP*TP*GP*GP*AP*TP*CP*TP*CP*GP*AP*CP*GP*CP*TP*CP*TP*CP*CP*CP*TP*TP*A)-3'"
4 non-polymer 'CALCIUM ION'
5 non-polymer 'ZINC ION'
6 non-polymer "ADENOSINE-5'-DIPHOSPHATE"
7 non-polymer 1,2-ETHANEDIOL
8 water water
#
loop_
_entity_poly.entity_id
_entity_poly.type
_entity_poly.pdbx_seq_one_letter_code
_entity_poly.pdbx_strand_id
1 'polypeptide(L)'
;KHERFQSLSFPHTKEMMKIFHKKFGLHNFRTNQLEAINAALLGEDCFILMPTGGGKSLCYQLPACVSPGVTVVISPLRSL
IVDQVQKLTSLDIPATYLTGDKTDSEATNIYLQLSKKDPIIKLLYVTPEKICASNRLISTLENLYERKLLARFVIDEAHC
VSQWGHDFRQDYKRMNMLRQKFPSVPVMALTATANPRVQKDILTQLKILRPQVFSMSFNRHNLKYYVLPKKPKKVAFDCL
EWIRKHHPYDSGIIYCLSRRECDTMADTLQRDGLAALAYHAGLSDSARDEVQQKWINQDGCQVICATIAFGMGIDKPDVR
FVIHASLPKSVEGYYQESGRAGRDGEISHCLLFYTYHDVTRLKRLIMMEKDGNHHTRETHFNNLYSMVHYCENITECRRI
QLLAYFGENGFNPDFCKKHPDVSCDNCCKTKDYKTRDVTDDVKSIVRFVQEHSSSQGMRNIKHVGPSGRFTMNMLVDIFL
GSKSAKIQSGIFGKGSAYSRHNAERLFKKLILDKILDEDLYINANDQAIAYVMLGNKAQTVLNGNLKVDFMETENSSSVK
KQKALVAKVSQREEMVKKCLGELTEVCKSLGKVFGVHYFNIFNTVTLKKLAESLSSDPEVLLQIDGVTEDKLEKYGAEVI
SVLQKYSEWTSPAEDSSPG
;
A
2 'polydeoxyribonucleotide' (DA)(DG)(DC)(DG)(DT)(DC)(DG)(DA)(DG)(DA)(DT)(DC)(DC)(DA)(DA)(DG) P
3 'polydeoxyribonucleotide'
;(DC)(DT)(DT)(DG)(DG)(DA)(DT)(DC)(DT)(DC)(DG)(DA)(DC)(DG)(DC)(DT)(DC)(DT)(DC)(DC)
(DC)(DT)(DT)(DA)
;
T
#
loop_
_chem_comp.id
_chem_comp.type
_chem_comp.name
_chem_comp.formula
ADP non-polymer ADENOSINE-5'-DIPHOSPHATE 'C10 H15 N5 O10 P2'
CA non-polymer 'CALCIUM ION' 'Ca 2'
DA DNA linking 2'-DEOXYADENOSINE-5'-MONOPHOSPHATE 'C10 H14 N5 O6 P'
DC DNA linking 2'-DEOXYCYTIDINE-5'-MONOPHOSPHATE 'C9 H14 N3 O7 P'
DG DNA linking 2'-DEOXYGUANOSINE-5'-MONOPHOSPHATE 'C10 H14 N5 O7 P'
DT DNA linking THYMIDINE-5'-MONOPHOSPHATE 'C10 H15 N2 O8 P'
EDO non-polymer 1,2-ETHANEDIOL 'C2 H6 O2'
ZN non-polymer 'ZINC ION' 'Zn 2'
#
# COMPACT_ATOMS: atom_id res chain seq x y z
N LYS A 1 12.42 -27.15 2.74
CA LYS A 1 11.67 -25.95 3.12
C LYS A 1 10.14 -26.16 3.05
N HIS A 2 9.55 -26.62 4.18
CA HIS A 2 8.11 -26.91 4.40
C HIS A 2 7.55 -27.99 3.44
N GLU A 3 8.41 -28.96 3.06
CA GLU A 3 8.10 -30.07 2.17
C GLU A 3 6.99 -30.97 2.70
N ARG A 4 6.95 -31.19 4.03
CA ARG A 4 5.92 -32.03 4.66
C ARG A 4 4.54 -31.36 4.59
N PHE A 5 4.54 -30.02 4.61
CA PHE A 5 3.32 -29.22 4.57
C PHE A 5 2.79 -29.04 3.14
N GLN A 6 3.50 -29.62 2.13
CA GLN A 6 3.11 -29.61 0.71
C GLN A 6 2.23 -30.80 0.31
N SER A 7 2.02 -31.75 1.21
CA SER A 7 1.22 -32.95 0.97
C SER A 7 -0.30 -32.69 0.76
N LEU A 8 -0.93 -33.57 -0.05
CA LEU A 8 -2.36 -33.57 -0.31
C LEU A 8 -2.90 -34.97 -0.02
N SER A 9 -2.30 -35.61 1.03
CA SER A 9 -2.60 -36.94 1.53
C SER A 9 -2.87 -36.95 3.06
N PHE A 10 -3.23 -35.79 3.67
CA PHE A 10 -3.53 -35.80 5.09
C PHE A 10 -4.97 -36.21 5.33
N PRO A 11 -5.36 -36.77 6.52
CA PRO A 11 -6.78 -37.10 6.75
C PRO A 11 -7.72 -35.89 6.53
N HIS A 12 -7.24 -34.65 6.85
CA HIS A 12 -7.99 -33.38 6.69
C HIS A 12 -8.15 -32.87 5.23
N THR A 13 -7.26 -33.27 4.29
CA THR A 13 -7.18 -32.84 2.89
C THR A 13 -8.54 -32.84 2.15
N LYS A 14 -9.29 -33.95 2.23
CA LYS A 14 -10.57 -34.08 1.54
C LYS A 14 -11.58 -33.00 1.95
N GLU A 15 -11.78 -32.78 3.26
CA GLU A 15 -12.75 -31.74 3.66
C GLU A 15 -12.24 -30.34 3.38
N MET A 16 -10.92 -30.15 3.49
CA MET A 16 -10.27 -28.87 3.25
C MET A 16 -10.43 -28.49 1.78
N MET A 17 -10.11 -29.40 0.85
CA MET A 17 -10.22 -29.20 -0.59
C MET A 17 -11.65 -28.92 -1.01
N LYS A 18 -12.63 -29.62 -0.41
CA LYS A 18 -14.05 -29.40 -0.71
C LYS A 18 -14.49 -28.01 -0.31
N ILE A 19 -13.99 -27.48 0.83
CA ILE A 19 -14.27 -26.12 1.30
C ILE A 19 -13.62 -25.10 0.36
N PHE A 20 -12.33 -25.34 -0.01
CA PHE A 20 -11.57 -24.52 -0.96
C PHE A 20 -12.36 -24.29 -2.29
N HIS A 21 -12.84 -25.38 -2.88
CA HIS A 21 -13.64 -25.37 -4.13
C HIS A 21 -15.06 -24.86 -3.97
N LYS A 22 -15.84 -25.45 -3.02
CA LYS A 22 -17.27 -25.19 -2.84
C LYS A 22 -17.65 -23.90 -2.08
N LYS A 23 -16.94 -23.56 -0.99
CA LYS A 23 -17.24 -22.36 -0.18
C LYS A 23 -16.56 -21.10 -0.70
N PHE A 24 -15.30 -21.22 -1.09
CA PHE A 24 -14.48 -20.11 -1.59
C PHE A 24 -14.45 -19.95 -3.10
N GLY A 25 -14.82 -21.00 -3.84
CA GLY A 25 -14.80 -20.99 -5.30
C GLY A 25 -13.42 -20.87 -5.92
N LEU A 26 -12.37 -21.31 -5.19
CA LEU A 26 -10.98 -21.19 -5.66
C LEU A 26 -10.47 -22.48 -6.31
N HIS A 27 -9.42 -22.36 -7.13
CA HIS A 27 -8.87 -23.47 -7.90
C HIS A 27 -7.39 -23.75 -7.66
N ASN A 28 -6.56 -22.70 -7.50
CA ASN A 28 -5.12 -22.87 -7.26
C ASN A 28 -4.63 -22.06 -6.11
N PHE A 29 -3.79 -22.68 -5.27
CA PHE A 29 -3.19 -22.02 -4.11
C PHE A 29 -2.04 -21.13 -4.57
N ARG A 30 -1.91 -19.97 -3.92
CA ARG A 30 -0.80 -19.04 -4.19
C ARG A 30 0.36 -19.49 -3.30
N THR A 31 1.51 -18.85 -3.42
CA THR A 31 2.71 -19.16 -2.65
C THR A 31 2.43 -19.20 -1.16
N ASN A 32 2.87 -20.30 -0.52
CA ASN A 32 2.81 -20.63 0.90
C ASN A 32 1.42 -20.82 1.48
N GLN A 33 0.36 -20.72 0.67
CA GLN A 33 -1.00 -20.88 1.18
C GLN A 33 -1.29 -22.30 1.58
N LEU A 34 -1.05 -23.27 0.68
CA LEU A 34 -1.30 -24.69 1.02
C LEU A 34 -0.49 -25.15 2.25
N GLU A 35 0.79 -24.73 2.31
CA GLU A 35 1.73 -25.08 3.40
C GLU A 35 1.28 -24.54 4.76
N ALA A 36 0.83 -23.26 4.81
CA ALA A 36 0.34 -22.60 6.01
C ALA A 36 -1.01 -23.18 6.44
N ILE A 37 -1.87 -23.55 5.47
CA ILE A 37 -3.19 -24.15 5.72
C ILE A 37 -2.99 -25.52 6.37
N ASN A 38 -2.09 -26.35 5.80
CA ASN A 38 -1.72 -27.66 6.33
C ASN A 38 -1.10 -27.53 7.68
N ALA A 39 -0.07 -26.66 7.84
CA ALA A 39 0.56 -26.46 9.16
C ALA A 39 -0.52 -26.08 10.24
N ALA A 40 -1.38 -25.09 9.96
CA ALA A 40 -2.48 -24.66 10.86
C ALA A 40 -3.48 -25.79 11.20
N LEU A 41 -3.81 -26.62 10.21
CA LEU A 41 -4.74 -27.71 10.46
C LEU A 41 -4.10 -28.83 11.25
N LEU A 42 -2.77 -28.85 11.32
CA LEU A 42 -2.02 -29.81 12.14
C LEU A 42 -1.79 -29.30 13.57
N GLY A 43 -2.27 -28.09 13.88
CA GLY A 43 -2.10 -27.47 15.19
C GLY A 43 -0.78 -26.75 15.42
N GLU A 44 -0.05 -26.47 14.33
CA GLU A 44 1.23 -25.74 14.40
C GLU A 44 0.96 -24.22 14.60
N ASP A 45 1.85 -23.52 15.35
CA ASP A 45 1.82 -22.07 15.47
C ASP A 45 2.53 -21.58 14.19
N CYS A 46 1.96 -20.55 13.55
CA CYS A 46 2.35 -20.01 12.25
C CYS A 46 2.67 -18.55 12.27
N PHE A 47 3.67 -18.15 11.50
CA PHE A 47 4.06 -16.75 11.35
C PHE A 47 4.14 -16.49 9.86
N ILE A 48 3.19 -15.70 9.34
CA ILE A 48 3.05 -15.48 7.92
C ILE A 48 3.38 -14.05 7.49
N LEU A 49 4.32 -13.93 6.57
CA LEU A 49 4.80 -12.70 5.97
C LEU A 49 4.43 -12.69 4.48
N MET A 50 3.48 -11.87 4.11
CA MET A 50 3.02 -11.75 2.73
C MET A 50 2.81 -10.29 2.42
N PRO A 51 3.10 -9.80 1.20
CA PRO A 51 2.74 -8.40 0.91
C PRO A 51 1.22 -8.24 0.82
N THR A 52 0.75 -7.00 0.92
CA THR A 52 -0.66 -6.65 0.74
C THR A 52 -1.14 -7.24 -0.59
N GLY A 53 -2.32 -7.84 -0.57
CA GLY A 53 -2.88 -8.52 -1.73
C GLY A 53 -2.32 -9.91 -1.96
N GLY A 54 -1.38 -10.37 -1.12
CA GLY A 54 -0.82 -11.71 -1.25
C GLY A 54 -1.84 -12.83 -1.10
N GLY A 55 -2.79 -12.68 -0.16
CA GLY A 55 -3.80 -13.68 0.09
C GLY A 55 -3.62 -14.27 1.49
N LYS A 56 -3.39 -13.40 2.48
CA LYS A 56 -3.20 -13.79 3.87
C LYS A 56 -4.49 -14.30 4.52
N SER A 57 -5.65 -13.73 4.13
CA SER A 57 -6.96 -14.10 4.67
C SER A 57 -7.26 -15.56 4.55
N LEU A 58 -7.01 -16.17 3.37
CA LEU A 58 -7.29 -17.61 3.17
C LEU A 58 -6.56 -18.52 4.18
N CYS A 59 -5.30 -18.18 4.53
CA CYS A 59 -4.42 -18.92 5.46
C CYS A 59 -5.06 -19.23 6.82
N TYR A 60 -6.00 -18.40 7.30
CA TYR A 60 -6.76 -18.66 8.53
C TYR A 60 -8.25 -18.90 8.29
N GLN A 61 -8.83 -18.39 7.17
CA GLN A 61 -10.26 -18.58 6.90
C GLN A 61 -10.61 -20.00 6.44
N LEU A 62 -9.78 -20.61 5.58
CA LEU A 62 -9.99 -21.98 5.12
C LEU A 62 -9.89 -22.91 6.34
N PRO A 63 -8.78 -22.87 7.18
CA PRO A 63 -8.74 -23.72 8.37
C PRO A 63 -9.91 -23.47 9.34
N ALA A 64 -10.33 -22.19 9.52
CA ALA A 64 -11.48 -21.81 10.37
C ALA A 64 -12.76 -22.54 10.01
N CYS A 65 -12.94 -22.85 8.73
CA CYS A 65 -14.11 -23.58 8.23
C CYS A 65 -14.00 -25.05 8.49
N VAL A 66 -12.77 -25.61 8.44
CA VAL A 66 -12.46 -27.03 8.60
C VAL A 66 -12.51 -27.43 10.08
N SER A 67 -11.89 -26.61 10.94
CA SER A 67 -11.81 -26.80 12.38
C SER A 67 -13.14 -26.81 13.10
N PRO A 68 -13.31 -27.67 14.13
CA PRO A 68 -14.50 -27.54 14.97
C PRO A 68 -14.26 -26.33 15.90
N GLY A 69 -15.28 -25.55 16.15
CA GLY A 69 -15.04 -24.41 17.02
C GLY A 69 -14.82 -23.09 16.33
N VAL A 70 -14.51 -22.09 17.16
CA VAL A 70 -14.38 -20.70 16.81
C VAL A 70 -12.93 -20.23 16.69
N THR A 71 -12.62 -19.64 15.54
CA THR A 71 -11.35 -18.99 15.29
C THR A 71 -11.53 -17.52 15.67
N VAL A 72 -10.76 -17.03 16.69
CA VAL A 72 -10.81 -15.64 17.20
C VAL A 72 -9.72 -14.80 16.50
N VAL A 73 -10.13 -13.75 15.77
CA VAL A 73 -9.23 -12.94 14.99
C VAL A 73 -9.11 -11.57 15.62
N ILE A 74 -7.90 -11.23 16.03
CA ILE A 74 -7.59 -9.94 16.65
C ILE A 74 -7.12 -9.00 15.55
N SER A 75 -7.86 -7.92 15.35
CA SER A 75 -7.59 -6.93 14.33
C SER A 75 -7.73 -5.54 14.95
N PRO A 76 -6.85 -4.58 14.58
CA PRO A 76 -6.93 -3.25 15.20
C PRO A 76 -7.98 -2.28 14.65
N LEU A 77 -8.36 -2.41 13.38
CA LEU A 77 -9.29 -1.45 12.80
C LEU A 77 -10.68 -2.01 12.63
N ARG A 78 -11.69 -1.28 13.15
CA ARG A 78 -13.12 -1.65 13.01
C ARG A 78 -13.51 -1.79 11.53
N SER A 79 -13.01 -0.89 10.65
CA SER A 79 -13.33 -0.88 9.23
C SER A 79 -12.82 -2.11 8.48
N LEU A 80 -11.61 -2.55 8.80
CA LEU A 80 -11.06 -3.79 8.21
C LEU A 80 -11.84 -5.03 8.70
N ILE A 81 -12.35 -4.99 9.96
CA ILE A 81 -13.15 -6.10 10.54
C ILE A 81 -14.52 -6.16 9.79
N VAL A 82 -15.16 -5.01 9.61
CA VAL A 82 -16.47 -4.88 8.96
C VAL A 82 -16.40 -5.43 7.52
N ASP A 83 -15.36 -5.02 6.76
CA ASP A 83 -15.13 -5.50 5.41
C ASP A 83 -14.87 -7.02 5.32
N GLN A 84 -14.07 -7.60 6.27
CA GLN A 84 -13.81 -9.05 6.25
C GLN A 84 -15.08 -9.86 6.50
N VAL A 85 -15.92 -9.41 7.44
CA VAL A 85 -17.20 -10.02 7.80
C VAL A 85 -18.18 -9.94 6.62
N GLN A 86 -18.12 -8.83 5.84
CA GLN A 86 -18.95 -8.68 4.64
C GLN A 86 -18.59 -9.73 3.59
N LYS A 87 -17.27 -9.98 3.39
CA LYS A 87 -16.75 -10.99 2.46
C LYS A 87 -17.21 -12.39 2.83
N LEU A 88 -17.16 -12.70 4.13
CA LEU A 88 -17.51 -14.01 4.66
C LEU A 88 -19.02 -14.21 4.64
N THR A 89 -19.82 -13.17 4.97
CA THR A 89 -21.27 -13.27 4.92
C THR A 89 -21.71 -13.55 3.48
N SER A 90 -21.10 -12.85 2.50
CA SER A 90 -21.37 -12.98 1.05
C SER A 90 -21.16 -14.41 0.54
N LEU A 91 -20.13 -15.10 1.10
CA LEU A 91 -19.73 -16.48 0.84
C LEU A 91 -20.53 -17.47 1.71
N ASP A 92 -21.48 -16.98 2.55
CA ASP A 92 -22.26 -17.82 3.48
C ASP A 92 -21.37 -18.57 4.49
N ILE A 93 -20.39 -17.85 5.06
CA ILE A 93 -19.52 -18.40 6.10
C ILE A 93 -19.91 -17.65 7.37
N PRO A 94 -20.41 -18.36 8.42
CA PRO A 94 -20.84 -17.68 9.66
C PRO A 94 -19.68 -16.98 10.38
N ALA A 95 -19.80 -15.68 10.44
CA ALA A 95 -18.81 -14.76 10.99
C ALA A 95 -19.49 -13.58 11.63
N THR A 96 -18.86 -13.05 12.69
CA THR A 96 -19.35 -11.86 13.39
C THR A 96 -18.18 -11.17 14.07
N TYR A 97 -18.45 -10.04 14.74
CA TYR A 97 -17.43 -9.24 15.40
C TYR A 97 -17.94 -8.58 16.65
N LEU A 98 -17.01 -8.19 17.54
CA LEU A 98 -17.25 -7.45 18.78
C LEU A 98 -16.21 -6.33 18.83
N THR A 99 -16.65 -5.07 18.65
CA THR A 99 -15.72 -3.91 18.62
C THR A 99 -16.11 -2.75 19.54
N GLY A 100 -17.27 -2.85 20.17
CA GLY A 100 -17.80 -1.78 21.01
C GLY A 100 -18.82 -1.01 20.20
N ASP A 101 -18.59 -1.00 18.87
CA ASP A 101 -19.45 -0.43 17.83
C ASP A 101 -20.46 -1.53 17.45
N LYS A 102 -21.15 -2.04 18.49
CA LYS A 102 -22.16 -3.10 18.53
C LYS A 102 -23.06 -2.80 19.74
N THR A 103 -24.39 -3.00 19.62
CA THR A 103 -25.37 -2.77 20.70
C THR A 103 -25.10 -3.69 21.88
N ASP A 104 -25.49 -3.26 23.11
CA ASP A 104 -25.31 -4.08 24.31
C ASP A 104 -26.19 -5.35 24.22
N SER A 105 -27.40 -5.22 23.66
CA SER A 105 -28.35 -6.32 23.44
C SER A 105 -27.85 -7.28 22.36
N GLU A 106 -27.24 -6.72 21.29
CA GLU A 106 -26.68 -7.46 20.15
C GLU A 106 -25.38 -8.19 20.53
N ALA A 107 -24.53 -7.59 21.40
CA ALA A 107 -23.28 -8.19 21.86
C ALA A 107 -23.61 -9.37 22.75
N THR A 108 -24.57 -9.18 23.70
CA THR A 108 -25.09 -10.20 24.61
C THR A 108 -25.66 -11.38 23.78
N ASN A 109 -26.29 -11.06 22.63
CA ASN A 109 -26.84 -12.05 21.70
C ASN A 109 -25.73 -12.90 21.05
N ILE A 110 -24.55 -12.28 20.77
CA ILE A 110 -23.39 -12.98 20.21
C ILE A 110 -22.85 -13.95 21.28
N TYR A 111 -22.79 -13.50 22.55
CA TYR A 111 -22.37 -14.34 23.69
C TYR A 111 -23.32 -15.50 23.89
N LEU A 112 -24.63 -15.26 23.74
CA LEU A 112 -25.67 -16.27 23.85
C LEU A 112 -25.51 -17.37 22.79
N GLN A 113 -25.24 -16.96 21.54
CA GLN A 113 -25.02 -17.85 20.41
C GLN A 113 -23.74 -18.66 20.61
N LEU A 114 -22.69 -18.03 21.16
CA LEU A 114 -21.39 -18.67 21.34
C LEU A 114 -21.36 -19.73 22.41
N SER A 115 -22.25 -19.62 23.41
CA SER A 115 -22.39 -20.56 24.53
C SER A 115 -23.29 -21.78 24.22
N LYS A 116 -23.96 -21.80 23.04
CA LYS A 116 -24.82 -22.90 22.57
C LYS A 116 -23.97 -24.13 22.25
N LYS A 117 -24.57 -25.35 22.28
CA LYS A 117 -23.91 -26.64 21.98
C LYS A 117 -23.11 -26.57 20.69
N ASP A 118 -23.72 -26.00 19.64
CA ASP A 118 -23.08 -25.75 18.36
C ASP A 118 -23.04 -24.21 18.20
N PRO A 119 -21.86 -23.57 18.44
CA PRO A 119 -21.79 -22.10 18.34
C PRO A 119 -22.10 -21.50 16.97
N ILE A 120 -22.01 -22.32 15.88
CA ILE A 120 -22.27 -21.97 14.46
C ILE A 120 -21.24 -20.98 13.94
N ILE A 121 -20.94 -19.87 14.66
CA ILE A 121 -19.92 -18.86 14.32
C ILE A 121 -18.56 -19.56 14.13
N LYS A 122 -17.97 -19.39 12.94
CA LYS A 122 -16.66 -19.99 12.60
C LYS A 122 -15.55 -19.00 12.83
N LEU A 123 -15.84 -17.71 12.58
CA LEU A 123 -14.89 -16.61 12.71
C LEU A 123 -15.46 -15.50 13.55
N LEU A 124 -14.75 -15.19 14.64
CA LEU A 124 -15.13 -14.08 15.52
C LEU A 124 -14.01 -13.04 15.48
N TYR A 125 -14.31 -11.84 14.99
CA TYR A 125 -13.34 -10.76 14.88
C TYR A 125 -13.44 -9.85 16.07
N VAL A 126 -12.30 -9.56 16.70
CA VAL A 126 -12.30 -8.67 17.86
C VAL A 126 -11.24 -7.61 17.73
N THR A 127 -11.46 -6.54 18.46
CA THR A 127 -10.55 -5.43 18.54
C THR A 127 -9.61 -5.70 19.78
N PRO A 128 -8.30 -5.32 19.76
CA PRO A 128 -7.43 -5.65 20.91
C PRO A 128 -7.94 -5.18 22.29
N GLU A 129 -8.72 -4.09 22.37
CA GLU A 129 -9.23 -3.61 23.66
C GLU A 129 -10.31 -4.52 24.26
N LYS A 130 -10.87 -5.44 23.47
CA LYS A 130 -11.88 -6.38 23.92
C LYS A 130 -11.24 -7.49 24.80
N ILE A 131 -9.94 -7.80 24.57
CA ILE A 131 -9.11 -8.78 25.30
C ILE A 131 -8.93 -8.41 26.79
N CYS A 132 -9.09 -7.13 27.10
CA CYS A 132 -8.86 -6.59 28.42
C CYS A 132 -10.10 -6.03 29.17
N ALA A 133 -11.01 -5.35 28.44
CA ALA A 133 -12.18 -4.66 29.00
C ALA A 133 -13.47 -5.49 29.01
N SER A 134 -13.50 -6.59 28.22
CA SER A 134 -14.68 -7.44 28.15
C SER A 134 -14.51 -8.73 28.92
N ASN A 135 -15.08 -8.74 30.15
CA ASN A 135 -15.09 -9.91 31.01
C ASN A 135 -16.05 -10.92 30.41
N ARG A 136 -17.16 -10.42 29.81
CA ARG A 136 -18.16 -11.24 29.13
C ARG A 136 -17.51 -12.04 27.98
N LEU A 137 -16.51 -11.44 27.28
CA LEU A 137 -15.78 -12.08 26.18
C LEU A 137 -14.86 -13.17 26.66
N ILE A 138 -14.01 -12.87 27.66
CA ILE A 138 -13.04 -13.80 28.25
C ILE A 138 -13.76 -14.98 28.92
N SER A 139 -14.92 -14.73 29.57
CA SER A 139 -15.74 -15.78 30.17
C SER A 139 -16.34 -16.70 29.10
N THR A 140 -16.60 -16.15 27.90
CA THR A 140 -17.14 -16.88 26.75
C THR A 140 -16.01 -17.73 26.13
N LEU A 141 -14.82 -17.15 26.01
CA LEU A 141 -13.64 -17.86 25.49
C LEU A 141 -13.29 -18.99 26.47
N GLU A 142 -13.43 -18.75 27.79
CA GLU A 142 -13.20 -19.76 28.86
C GLU A 142 -14.13 -20.95 28.65
N ASN A 143 -15.41 -20.68 28.33
CA ASN A 143 -16.44 -21.70 28.09
C ASN A 143 -16.13 -22.51 26.83
N LEU A 144 -15.78 -21.84 25.72
CA LEU A 144 -15.39 -22.49 24.47
C LEU A 144 -14.14 -23.32 24.66
N TYR A 145 -13.17 -22.80 25.42
CA TYR A 145 -11.92 -23.49 25.71
C TYR A 145 -12.09 -24.79 26.49
N GLU A 146 -12.95 -24.79 27.54
CA GLU A 146 -13.22 -25.96 28.39
C GLU A 146 -13.91 -27.06 27.57
N ARG A 147 -14.60 -26.66 26.49
CA ARG A 147 -15.34 -27.50 25.56
C ARG A 147 -14.55 -27.81 24.27
N LYS A 148 -13.26 -27.41 24.18
CA LYS A 148 -12.41 -27.67 22.99
C LYS A 148 -12.97 -27.07 21.71
N LEU A 149 -13.66 -25.90 21.82
CA LEU A 149 -14.28 -25.20 20.69
C LEU A 149 -13.64 -23.82 20.44
N LEU A 150 -12.40 -23.62 20.93
CA LEU A 150 -11.57 -22.43 20.70
C LEU A 150 -10.47 -22.95 19.75
N ALA A 151 -10.68 -22.87 18.43
CA ALA A 151 -9.80 -23.47 17.44
C ALA A 151 -8.45 -22.78 17.22
N ARG A 152 -8.41 -21.44 17.22
CA ARG A 152 -7.17 -20.71 16.93
C ARG A 152 -7.29 -19.27 17.33
N PHE A 153 -6.11 -18.61 17.55
CA PHE A 153 -6.01 -17.16 17.77
C PHE A 153 -5.28 -16.64 16.58
N VAL A 154 -5.89 -15.70 15.87
CA VAL A 154 -5.27 -15.09 14.70
C VAL A 154 -4.96 -13.62 14.99
N ILE A 155 -3.76 -13.16 14.65
CA ILE A 155 -3.38 -11.75 14.81
C ILE A 155 -3.21 -11.32 13.37
N ASP A 156 -4.28 -10.80 12.74
CA ASP A 156 -4.33 -10.46 11.30
C ASP A 156 -3.27 -9.45 10.89
N GLU A 157 -3.11 -8.39 11.66
CA GLU A 157 -2.00 -7.50 11.36
C GLU A 157 -1.25 -7.38 12.66
N ALA A 158 -0.08 -8.04 12.72
CA ALA A 158 0.78 -8.10 13.90
C ALA A 158 1.54 -6.80 14.20
N HIS A 159 1.79 -5.93 13.18
CA HIS A 159 2.46 -4.61 13.31
C HIS A 159 3.76 -4.62 14.13
N ARG A 169 2.40 -1.86 22.30
CA ARG A 169 2.60 -1.71 23.74
C ARG A 169 1.45 -2.37 24.52
N GLN A 170 0.27 -1.69 24.60
CA GLN A 170 -0.95 -2.19 25.23
C GLN A 170 -1.74 -2.94 24.14
N ASP A 171 -1.08 -3.98 23.58
CA ASP A 171 -1.59 -4.82 22.49
C ASP A 171 -0.83 -6.13 22.55
N TYR A 172 0.51 -6.06 22.65
CA TYR A 172 1.39 -7.23 22.68
C TYR A 172 1.35 -7.95 24.00
N LYS A 173 1.34 -7.22 25.13
CA LYS A 173 1.26 -7.79 26.48
C LYS A 173 -0.13 -8.45 26.68
N ARG A 174 -1.14 -7.93 25.97
CA ARG A 174 -2.53 -8.38 25.91
C ARG A 174 -2.68 -9.67 25.12
N MET A 175 -1.96 -9.82 23.99
CA MET A 175 -2.01 -11.03 23.18
C MET A 175 -1.28 -12.12 23.92
N ASN A 176 -0.26 -11.74 24.70
CA ASN A 176 0.51 -12.67 25.53
C ASN A 176 -0.36 -13.17 26.69
N MET A 177 -1.29 -12.33 27.18
CA MET A 177 -2.25 -12.67 28.24
C MET A 177 -3.16 -13.81 27.74
N LEU A 178 -3.60 -13.75 26.45
CA LEU A 178 -4.43 -14.78 25.82
C LEU A 178 -3.73 -16.13 25.81
N ARG A 179 -2.43 -16.14 25.45
CA ARG A 179 -1.61 -17.34 25.40
CA ARG A 179 -1.61 -17.35 25.39
C ARG A 179 -1.43 -17.95 26.77
N GLN A 180 -1.24 -17.11 27.79
CA GLN A 180 -1.06 -17.62 29.16
C GLN A 180 -2.39 -18.17 29.71
N LYS A 181 -3.54 -17.55 29.37
CA LYS A 181 -4.89 -17.96 29.76
C LYS A 181 -5.29 -19.25 29.06
N PHE A 182 -5.09 -19.33 27.73
CA PHE A 182 -5.48 -20.46 26.87
C PHE A 182 -4.25 -21.02 26.13
N PRO A 183 -3.30 -21.70 26.86
CA PRO A 183 -2.04 -22.15 26.22
C PRO A 183 -2.13 -23.24 25.14
N SER A 184 -3.17 -24.06 25.16
CA SER A 184 -3.30 -25.13 24.18
C SER A 184 -3.90 -24.68 22.83
N VAL A 185 -4.38 -23.44 22.70
CA VAL A 185 -4.93 -23.06 21.41
C VAL A 185 -3.81 -22.49 20.48
N PRO A 186 -3.70 -23.01 19.21
CA PRO A 186 -2.66 -22.51 18.30
C PRO A 186 -2.86 -21.05 17.93
N VAL A 187 -1.77 -20.42 17.54
CA VAL A 187 -1.70 -19.01 17.18
C VAL A 187 -1.14 -18.89 15.76
N MET A 188 -1.75 -18.01 14.99
CA MET A 188 -1.30 -17.66 13.66
C MET A 188 -1.13 -16.12 13.62
N ALA A 189 0.07 -15.66 13.27
CA ALA A 189 0.33 -14.24 13.19
C ALA A 189 0.62 -13.90 11.77
N LEU A 190 0.03 -12.81 11.29
CA LEU A 190 0.22 -12.34 9.93
C LEU A 190 0.68 -10.89 9.93
N THR A 191 1.53 -10.55 8.94
CA THR A 191 2.02 -9.18 8.78
C THR A 191 2.36 -8.93 7.33
N ALA A 192 2.17 -7.68 6.91
CA ALA A 192 2.51 -7.20 5.58
C ALA A 192 3.69 -6.21 5.68
N THR A 193 4.25 -6.03 6.91
CA THR A 193 5.36 -5.10 7.10
C THR A 193 6.62 -5.61 6.41
N ALA A 194 7.19 -4.76 5.55
CA ALA A 194 8.37 -5.01 4.73
C ALA A 194 9.68 -4.82 5.51
N ASN A 195 9.65 -4.01 6.61
CA ASN A 195 10.83 -3.69 7.43
C ASN A 195 11.41 -4.95 8.08
N PRO A 196 12.61 -5.42 7.63
CA PRO A 196 13.15 -6.71 8.14
C PRO A 196 13.47 -6.78 9.62
N ARG A 197 13.82 -5.64 10.25
CA ARG A 197 14.11 -5.55 11.69
C ARG A 197 12.79 -5.60 12.48
N VAL A 198 11.72 -5.08 11.89
CA VAL A 198 10.40 -5.10 12.52
C VAL A 198 9.83 -6.52 12.41
N GLN A 199 10.06 -7.21 11.28
CA GLN A 199 9.59 -8.60 11.09
C GLN A 199 10.21 -9.51 12.18
N LYS A 200 11.50 -9.30 12.48
CA LYS A 200 12.22 -10.05 13.51
C LYS A 200 11.70 -9.72 14.92
N ASP A 201 11.47 -8.42 15.23
CA ASP A 201 10.92 -7.95 16.50
C ASP A 201 9.53 -8.51 16.78
N ILE A 202 8.67 -8.61 15.77
CA ILE A 202 7.30 -9.18 15.86
C ILE A 202 7.41 -10.66 16.26
N LEU A 203 8.17 -11.45 15.49
CA LEU A 203 8.42 -12.88 15.70
C LEU A 203 9.00 -13.18 17.10
N THR A 204 10.02 -12.41 17.54
CA THR A 204 10.59 -12.65 18.87
C THR A 204 9.63 -12.24 19.99
N GLN A 205 8.89 -11.13 19.81
CA GLN A 205 7.92 -10.56 20.76
C GLN A 205 6.71 -11.45 21.05
N LEU A 206 6.22 -12.18 20.05
CA LEU A 206 5.08 -13.09 20.25
C LEU A 206 5.54 -14.35 21.00
N LYS A 207 6.86 -14.64 20.98
CA LYS A 207 7.54 -15.73 21.70
C LYS A 207 6.86 -17.11 21.57
N ILE A 208 6.12 -17.33 20.43
CA ILE A 208 5.40 -18.57 20.09
C ILE A 208 6.34 -19.75 20.06
N LEU A 209 5.89 -20.88 20.62
CA LEU A 209 6.69 -22.09 20.72
C LEU A 209 6.82 -22.77 19.36
N ARG A 210 8.08 -22.98 18.90
CA ARG A 210 8.44 -23.63 17.63
C ARG A 210 7.55 -23.16 16.42
N PRO A 211 7.56 -21.87 16.04
CA PRO A 211 6.67 -21.44 14.94
C PRO A 211 7.10 -21.88 13.55
N GLN A 212 6.10 -22.12 12.68
CA GLN A 212 6.35 -22.37 11.27
C GLN A 212 6.32 -20.99 10.62
N VAL A 213 7.42 -20.57 10.02
CA VAL A 213 7.54 -19.24 9.43
C VAL A 213 7.45 -19.32 7.91
N PHE A 214 6.41 -18.72 7.33
CA PHE A 214 6.18 -18.66 5.88
C PHE A 214 6.40 -17.22 5.40
N SER A 215 7.48 -16.99 4.66
CA SER A 215 7.84 -15.69 4.09
C SER A 215 8.01 -15.75 2.56
N MET A 216 7.99 -14.58 1.92
CA MET A 216 8.10 -14.47 0.46
C MET A 216 8.53 -13.08 0.07
N SER A 217 8.79 -12.87 -1.26
CA SER A 217 9.12 -11.59 -1.86
C SER A 217 7.91 -10.64 -1.70
N PHE A 218 8.19 -9.38 -1.36
CA PHE A 218 7.22 -8.30 -1.15
C PHE A 218 6.98 -7.49 -2.42
N ASN A 219 7.52 -7.99 -3.55
CA ASN A 219 7.41 -7.38 -4.87
C ASN A 219 6.00 -7.54 -5.39
N ARG A 220 5.31 -6.41 -5.60
CA ARG A 220 3.94 -6.32 -6.13
C ARG A 220 4.09 -6.29 -7.65
N HIS A 221 3.99 -7.46 -8.28
CA HIS A 221 4.16 -7.67 -9.71
C HIS A 221 3.34 -6.72 -10.61
N ASN A 222 2.10 -6.39 -10.19
CA ASN A 222 1.13 -5.55 -10.93
C ASN A 222 1.30 -4.03 -10.77
N LEU A 223 2.18 -3.55 -9.86
CA LEU A 223 2.36 -2.12 -9.62
C LEU A 223 3.42 -1.54 -10.51
N LYS A 224 3.03 -0.59 -11.36
CA LYS A 224 3.93 0.10 -12.29
C LYS A 224 4.36 1.43 -11.66
N TYR A 225 5.64 1.56 -11.31
CA TYR A 225 6.20 2.75 -10.65
C TYR A 225 6.83 3.75 -11.63
N TYR A 226 6.44 5.00 -11.48
CA TYR A 226 6.89 6.10 -12.30
C TYR A 226 7.25 7.28 -11.44
N VAL A 227 8.24 8.05 -11.89
CA VAL A 227 8.66 9.31 -11.29
C VAL A 227 8.81 10.29 -12.44
N LEU A 228 7.98 11.32 -12.44
CA LEU A 228 7.99 12.36 -13.48
C LEU A 228 8.37 13.72 -12.91
N PRO A 229 9.06 14.58 -13.71
CA PRO A 229 9.35 15.95 -13.21
C PRO A 229 8.07 16.76 -13.01
N LYS A 230 8.00 17.47 -11.89
CA LYS A 230 6.82 18.24 -11.54
C LYS A 230 6.90 19.70 -12.03
N LYS A 231 5.80 20.18 -12.63
CA LYS A 231 5.58 21.56 -13.07
C LYS A 231 4.62 22.07 -11.99
N PRO A 232 5.12 22.67 -10.87
CA PRO A 232 4.22 23.04 -9.74
C PRO A 232 2.92 23.79 -10.10
N LYS A 233 3.00 24.80 -10.98
CA LYS A 233 1.83 25.57 -11.39
C LYS A 233 0.88 24.83 -12.34
N LYS A 234 1.26 23.64 -12.82
CA LYS A 234 0.42 22.87 -13.75
C LYS A 234 0.20 21.39 -13.33
N VAL A 235 0.62 21.00 -12.11
CA VAL A 235 0.55 19.63 -11.61
C VAL A 235 -0.90 19.07 -11.67
N ALA A 236 -1.93 19.89 -11.30
CA ALA A 236 -3.34 19.48 -11.32
C ALA A 236 -3.84 19.16 -12.74
N PHE A 237 -3.43 19.96 -13.74
CA PHE A 237 -3.75 19.76 -15.14
C PHE A 237 -3.04 18.53 -15.69
N ASP A 238 -1.82 18.27 -15.18
CA ASP A 238 -1.03 17.09 -15.52
C ASP A 238 -1.68 15.82 -14.98
N CYS A 239 -2.19 15.85 -13.72
CA CYS A 239 -2.88 14.71 -13.10
C CYS A 239 -4.18 14.44 -13.85
N LEU A 240 -4.92 15.52 -14.16
CA LEU A 240 -6.19 15.50 -14.90
C LEU A 240 -6.05 14.85 -16.29
N GLU A 241 -5.03 15.28 -17.07
CA GLU A 241 -4.79 14.76 -18.42
C GLU A 241 -4.40 13.29 -18.37
N TRP A 242 -3.47 12.94 -17.47
CA TRP A 242 -3.01 11.56 -17.25
C TRP A 242 -4.17 10.65 -16.83
N ILE A 243 -5.06 11.11 -15.93
CA ILE A 243 -6.24 10.33 -15.52
C ILE A 243 -7.21 10.10 -16.71
N ARG A 244 -7.57 11.13 -17.48
CA ARG A 244 -8.50 10.96 -18.61
C ARG A 244 -7.93 10.10 -19.75
N LYS A 245 -6.60 10.12 -19.91
CA LYS A 245 -5.86 9.33 -20.90
C LYS A 245 -5.71 7.84 -20.46
N HIS A 246 -5.38 7.59 -19.18
CA HIS A 246 -5.10 6.24 -18.69
C HIS A 246 -6.21 5.54 -17.84
N HIS A 247 -6.96 6.27 -17.01
CA HIS A 247 -7.97 5.67 -16.13
C HIS A 247 -9.24 6.55 -15.99
N PRO A 248 -9.92 6.96 -17.10
CA PRO A 248 -11.09 7.85 -16.94
C PRO A 248 -12.25 7.34 -16.08
N TYR A 249 -12.43 6.00 -16.01
CA TYR A 249 -13.54 5.41 -15.28
C TYR A 249 -13.14 4.65 -14.02
N ASP A 250 -11.85 4.69 -13.64
CA ASP A 250 -11.31 3.95 -12.50
C ASP A 250 -11.07 4.79 -11.27
N SER A 251 -11.21 4.18 -10.08
CA SER A 251 -10.93 4.80 -8.78
C SER A 251 -9.42 5.02 -8.58
N GLY A 252 -9.10 6.12 -7.90
CA GLY A 252 -7.74 6.49 -7.58
C GLY A 252 -7.57 7.48 -6.44
N ILE A 253 -6.30 7.67 -6.05
CA ILE A 253 -5.93 8.60 -4.98
C ILE A 253 -4.90 9.55 -5.51
N ILE A 254 -5.02 10.82 -5.16
CA ILE A 254 -4.01 11.83 -5.42
C ILE A 254 -3.52 12.31 -4.05
N TYR A 255 -2.30 11.93 -3.65
CA TYR A 255 -1.70 12.42 -2.39
C TYR A 255 -1.08 13.79 -2.58
N CYS A 256 -1.48 14.73 -1.74
CA CYS A 256 -0.98 16.11 -1.81
C CYS A 256 -0.31 16.47 -0.51
N LEU A 257 0.69 17.37 -0.57
CA LEU A 257 1.45 17.84 0.58
C LEU A 257 0.57 18.60 1.59
N SER A 258 -0.24 19.56 1.12
CA SER A 258 -1.01 20.41 2.02
C SER A 258 -2.53 20.33 1.84
N ARG A 259 -3.29 20.84 2.85
CA ARG A 259 -4.76 20.87 2.85
C ARG A 259 -5.29 21.70 1.70
N ARG A 260 -4.63 22.84 1.44
CA ARG A 260 -4.93 23.81 0.37
C ARG A 260 -4.72 23.19 -1.01
N GLU A 261 -3.63 22.42 -1.17
CA GLU A 261 -3.30 21.71 -2.40
C GLU A 261 -4.33 20.62 -2.71
N CYS A 262 -4.95 19.99 -1.66
CA CYS A 262 -6.04 19.01 -1.79
C CYS A 262 -7.25 19.68 -2.36
N ASP A 263 -7.65 20.83 -1.75
CA ASP A 263 -8.82 21.62 -2.17
C ASP A 263 -8.64 22.13 -3.60
N THR A 264 -7.43 22.57 -3.94
CA THR A 264 -7.07 23.02 -5.28
C THR A 264 -7.14 21.85 -6.28
N MET A 265 -6.49 20.71 -5.95
CA MET A 265 -6.52 19.52 -6.80
C MET A 265 -8.00 19.11 -7.04
N ALA A 266 -8.79 18.97 -5.95
CA ALA A 266 -10.20 18.59 -6.05
C ALA A 266 -10.99 19.57 -6.92
N ASP A 267 -10.84 20.89 -6.68
CA ASP A 267 -11.50 21.95 -7.44
C ASP A 267 -11.19 21.88 -8.96
N THR A 268 -9.90 21.72 -9.32
CA THR A 268 -9.45 21.60 -10.71
C THR A 268 -10.09 20.41 -11.43
N LEU A 269 -10.06 19.22 -10.79
CA LEU A 269 -10.65 18.02 -11.37
C LEU A 269 -12.15 18.13 -11.51
N GLN A 270 -12.84 18.72 -10.49
CA GLN A 270 -14.29 18.91 -10.49
C GLN A 270 -14.70 19.82 -11.65
N ARG A 271 -13.90 20.90 -11.91
CA ARG A 271 -14.17 21.84 -13.01
C ARG A 271 -14.09 21.17 -14.39
N ASP A 272 -13.37 20.03 -14.49
CA ASP A 272 -13.26 19.28 -15.74
C ASP A 272 -14.33 18.16 -15.86
N GLY A 273 -15.23 18.09 -14.88
CA GLY A 273 -16.29 17.07 -14.85
C GLY A 273 -15.90 15.79 -14.12
N LEU A 274 -14.68 15.75 -13.53
CA LEU A 274 -14.20 14.58 -12.79
C LEU A 274 -14.74 14.57 -11.34
N ALA A 275 -15.33 13.46 -10.90
CA ALA A 275 -15.86 13.35 -9.54
C ALA A 275 -14.68 13.18 -8.55
N ALA A 276 -14.17 14.31 -8.04
CA ALA A 276 -13.03 14.37 -7.11
C ALA A 276 -13.43 15.05 -5.84
N LEU A 277 -12.92 14.55 -4.71
CA LEU A 277 -13.17 15.12 -3.40
C LEU A 277 -11.90 15.17 -2.57
N ALA A 278 -11.76 16.23 -1.78
CA ALA A 278 -10.62 16.48 -0.90
C ALA A 278 -10.78 15.78 0.42
N TYR A 279 -9.68 15.26 0.96
CA TYR A 279 -9.69 14.55 2.23
C TYR A 279 -8.46 14.94 3.03
N HIS A 280 -8.69 15.65 4.15
CA HIS A 280 -7.65 16.14 5.07
C HIS A 280 -8.24 16.39 6.45
N ALA A 281 -7.39 16.62 7.47
CA ALA A 281 -7.82 16.82 8.87
C ALA A 281 -8.60 18.12 9.11
N GLY A 282 -8.58 19.03 8.14
CA GLY A 282 -9.33 20.28 8.18
C GLY A 282 -10.83 20.07 8.06
N LEU A 283 -11.23 18.88 7.58
CA LEU A 283 -12.60 18.41 7.42
C LEU A 283 -13.08 17.81 8.73
N SER A 284 -14.40 17.85 8.99
CA SER A 284 -15.00 17.24 10.19
C SER A 284 -14.95 15.71 10.04
N ASP A 285 -15.13 14.97 11.15
CA ASP A 285 -15.08 13.50 11.18
C ASP A 285 -16.16 12.85 10.32
N SER A 286 -17.37 13.44 10.28
CA SER A 286 -18.50 12.95 9.47
C SER A 286 -18.32 13.32 8.00
N ALA A 287 -17.76 14.51 7.72
CA ALA A 287 -17.48 14.94 6.34
C ALA A 287 -16.44 13.98 5.74
N ARG A 288 -15.39 13.65 6.52
CA ARG A 288 -14.32 12.71 6.17
C ARG A 288 -14.91 11.33 5.91
N ASP A 289 -15.82 10.88 6.79
CA ASP A 289 -16.51 9.60 6.69
C ASP A 289 -17.38 9.53 5.44
N GLU A 290 -18.06 10.64 5.08
CA GLU A 290 -18.90 10.78 3.89
C GLU A 290 -18.04 10.65 2.61
N VAL A 291 -16.90 11.37 2.55
CA VAL A 291 -15.93 11.33 1.44
C VAL A 291 -15.42 9.86 1.21
N GLN A 292 -14.98 9.20 2.29
CA GLN A 292 -14.45 7.84 2.29
C GLN A 292 -15.46 6.81 1.74
N GLN A 293 -16.71 6.84 2.24
CA GLN A 293 -17.79 5.95 1.78
C GLN A 293 -18.16 6.17 0.33
N LYS A 294 -18.25 7.44 -0.12
CA LYS A 294 -18.53 7.79 -1.52
C LYS A 294 -17.42 7.23 -2.41
N TRP A 295 -16.16 7.37 -1.98
CA TRP A 295 -14.99 6.89 -2.71
C TRP A 295 -14.89 5.34 -2.76
N ILE A 296 -15.13 4.65 -1.64
CA ILE A 296 -15.08 3.17 -1.59
C ILE A 296 -16.13 2.55 -2.52
N ASN A 297 -17.35 3.08 -2.52
CA ASN A 297 -18.46 2.58 -3.30
C ASN A 297 -18.56 3.12 -4.72
N GLN A 298 -17.59 3.99 -5.13
CA GLN A 298 -17.57 4.69 -6.43
C GLN A 298 -18.94 5.34 -6.62
N ASP A 299 -19.41 6.06 -5.58
CA ASP A 299 -20.72 6.73 -5.59
C ASP A 299 -20.56 8.25 -5.38
N GLY A 300 -20.29 8.97 -6.45
CA GLY A 300 -20.07 10.42 -6.40
C GLY A 300 -18.64 10.81 -6.11
N CYS A 301 -17.73 9.83 -6.04
CA CYS A 301 -16.31 10.11 -5.81
C CYS A 301 -15.45 9.09 -6.48
N GLN A 302 -14.77 9.48 -7.56
CA GLN A 302 -13.84 8.65 -8.33
C GLN A 302 -12.39 8.85 -7.78
N VAL A 303 -12.04 10.09 -7.49
CA VAL A 303 -10.68 10.44 -7.05
C VAL A 303 -10.69 11.10 -5.69
N ILE A 304 -9.93 10.56 -4.77
CA ILE A 304 -9.74 11.16 -3.44
C ILE A 304 -8.42 11.96 -3.48
N CYS A 305 -8.47 13.25 -3.17
CA CYS A 305 -7.30 14.12 -3.15
C CYS A 305 -7.01 14.30 -1.69
N ALA A 306 -5.98 13.62 -1.20
CA ALA A 306 -5.71 13.52 0.23
C ALA A 306 -4.34 13.90 0.72
N THR A 307 -4.26 14.25 2.02
CA THR A 307 -3.00 14.41 2.76
C THR A 307 -2.81 13.02 3.40
N ILE A 308 -1.77 12.87 4.24
CA ILE A 308 -1.45 11.65 4.99
C ILE A 308 -2.55 11.24 5.97
N ALA A 309 -3.52 12.15 6.27
CA ALA A 309 -4.66 11.87 7.15
C ALA A 309 -5.45 10.67 6.64
N PHE A 310 -5.43 10.43 5.31
CA PHE A 310 -6.09 9.32 4.64
C PHE A 310 -5.19 8.12 4.44
N GLY A 311 -5.75 6.93 4.65
CA GLY A 311 -5.02 5.70 4.41
C GLY A 311 -5.35 4.56 5.34
N MET A 312 -4.92 4.67 6.61
CA MET A 312 -5.09 3.67 7.68
C MET A 312 -6.53 3.13 7.80
N GLY A 313 -6.69 1.86 7.46
CA GLY A 313 -7.98 1.19 7.53
C GLY A 313 -8.77 1.16 6.25
N ILE A 314 -8.12 1.43 5.11
CA ILE A 314 -8.76 1.39 3.80
C ILE A 314 -8.14 0.23 3.04
N ASP A 315 -8.99 -0.74 2.63
CA ASP A 315 -8.55 -1.94 1.90
C ASP A 315 -9.23 -2.07 0.51
N LYS A 316 -9.78 -0.94 -0.06
CA LYS A 316 -10.43 -0.89 -1.38
C LYS A 316 -9.57 -1.69 -2.37
N PRO A 317 -10.09 -2.78 -2.95
CA PRO A 317 -9.22 -3.64 -3.76
C PRO A 317 -8.97 -3.21 -5.20
N ASP A 318 -9.76 -2.28 -5.73
CA ASP A 318 -9.63 -1.86 -7.12
C ASP A 318 -9.16 -0.40 -7.32
N VAL A 319 -8.14 0.03 -6.60
CA VAL A 319 -7.54 1.36 -6.79
C VAL A 319 -6.56 1.17 -7.96
N ARG A 320 -6.85 1.82 -9.11
CA ARG A 320 -6.05 1.69 -10.33
C ARG A 320 -4.87 2.64 -10.40
N PHE A 321 -4.90 3.71 -9.59
CA PHE A 321 -3.81 4.67 -9.54
C PHE A 321 -3.66 5.34 -8.21
N VAL A 322 -2.41 5.62 -7.85
CA VAL A 322 -2.03 6.41 -6.72
C VAL A 322 -1.05 7.40 -7.31
N ILE A 323 -1.34 8.70 -7.19
CA ILE A 323 -0.47 9.78 -7.66
C ILE A 323 0.01 10.55 -6.46
N HIS A 324 1.33 10.75 -6.33
CA HIS A 324 1.90 11.61 -5.30
C HIS A 324 2.18 12.93 -6.02
N ALA A 325 1.28 13.89 -5.82
CA ALA A 325 1.36 15.23 -6.44
C ALA A 325 2.58 16.00 -5.92
N SER A 326 3.11 15.59 -4.78
CA SER A 326 4.31 16.08 -4.10
C SER A 326 4.91 14.81 -3.50
N LEU A 327 6.24 14.70 -3.47
CA LEU A 327 6.86 13.50 -2.89
C LEU A 327 6.53 13.34 -1.37
N PRO A 328 6.40 12.10 -0.85
CA PRO A 328 6.19 11.94 0.59
C PRO A 328 7.45 12.20 1.44
N LYS A 329 7.31 12.12 2.77
CA LYS A 329 8.42 12.46 3.68
C LYS A 329 9.37 11.29 3.94
N SER A 330 8.98 10.06 3.57
CA SER A 330 9.82 8.88 3.78
C SER A 330 9.49 7.81 2.75
N VAL A 331 10.44 6.87 2.54
CA VAL A 331 10.24 5.74 1.64
C VAL A 331 9.14 4.84 2.20
N GLU A 332 9.14 4.58 3.54
CA GLU A 332 8.13 3.76 4.24
C GLU A 332 6.72 4.28 3.94
N GLY A 333 6.54 5.60 4.02
CA GLY A 333 5.30 6.30 3.70
C GLY A 333 4.95 6.14 2.23
N TYR A 334 5.94 6.27 1.33
CA TYR A 334 5.69 6.10 -0.10
C TYR A 334 5.21 4.69 -0.41
N TYR A 335 5.92 3.69 0.15
CA TYR A 335 5.63 2.26 0.01
C TYR A 335 4.21 1.97 0.51
N GLN A 336 3.82 2.51 1.68
CA GLN A 336 2.47 2.28 2.24
C GLN A 336 1.39 2.99 1.40
N GLU A 337 1.64 4.24 0.94
CA GLU A 337 0.67 5.00 0.18
C GLU A 337 0.48 4.47 -1.26
N SER A 338 1.57 4.22 -1.98
CA SER A 338 1.51 3.67 -3.34
C SER A 338 0.96 2.24 -3.26
N GLY A 339 1.27 1.55 -2.17
CA GLY A 339 0.81 0.19 -1.88
C GLY A 339 -0.71 0.02 -1.79
N ARG A 340 -1.50 1.14 -1.77
CA ARG A 340 -2.98 1.10 -1.71
C ARG A 340 -3.53 0.67 -3.10
N ALA A 341 -2.73 0.87 -4.15
CA ALA A 341 -3.04 0.51 -5.53
C ALA A 341 -2.98 -1.03 -5.74
N GLY A 342 -3.82 -1.48 -6.68
CA GLY A 342 -3.98 -2.84 -7.18
C GLY A 342 -3.91 -3.99 -6.21
N ARG A 343 -4.73 -3.95 -5.16
CA ARG A 343 -4.73 -5.04 -4.16
C ARG A 343 -5.33 -6.34 -4.71
N ASP A 344 -6.06 -6.25 -5.85
CA ASP A 344 -6.69 -7.38 -6.55
C ASP A 344 -5.75 -8.09 -7.56
N GLY A 345 -4.53 -7.57 -7.71
CA GLY A 345 -3.52 -8.16 -8.60
C GLY A 345 -3.57 -7.66 -10.02
N GLU A 346 -4.55 -6.78 -10.34
CA GLU A 346 -4.68 -6.17 -11.66
C GLU A 346 -3.69 -5.02 -11.77
N ILE A 347 -3.20 -4.75 -12.99
CA ILE A 347 -2.23 -3.69 -13.30
C ILE A 347 -2.77 -2.35 -12.81
N SER A 348 -1.97 -1.69 -11.98
CA SER A 348 -2.25 -0.39 -11.39
C SER A 348 -1.00 0.46 -11.47
N HIS A 349 -1.16 1.77 -11.46
CA HIS A 349 -0.07 2.73 -11.64
C HIS A 349 0.23 3.56 -10.41
N CYS A 350 1.53 3.73 -10.12
CA CYS A 350 2.06 4.52 -9.00
C CYS A 350 2.96 5.62 -9.59
N LEU A 351 2.42 6.80 -9.64
CA LEU A 351 3.07 7.93 -10.27
C LEU A 351 3.39 9.01 -9.26
N LEU A 352 4.65 9.47 -9.28
CA LEU A 352 5.09 10.51 -8.37
C LEU A 352 5.57 11.74 -9.17
N PHE A 353 5.03 12.92 -8.84
CA PHE A 353 5.47 14.19 -9.46
C PHE A 353 6.55 14.77 -8.56
N TYR A 354 7.78 14.79 -9.05
CA TYR A 354 8.93 15.23 -8.26
C TYR A 354 9.54 16.57 -8.66
N THR A 355 9.74 17.42 -7.65
CA THR A 355 10.49 18.69 -7.69
C THR A 355 11.21 18.88 -6.35
N TYR A 356 12.48 19.27 -6.44
CA TYR A 356 13.32 19.52 -5.27
C TYR A 356 12.74 20.65 -4.40
N HIS A 357 11.92 21.56 -4.97
CA HIS A 357 11.26 22.63 -4.21
C HIS A 357 10.35 22.07 -3.12
N ASP A 358 9.75 20.87 -3.35
CA ASP A 358 8.89 20.20 -2.38
C ASP A 358 9.69 19.66 -1.23
N VAL A 359 10.97 19.36 -1.47
CA VAL A 359 11.89 18.85 -0.45
C VAL A 359 12.07 19.92 0.62
N THR A 360 12.28 21.18 0.23
CA THR A 360 12.48 22.21 1.24
C THR A 360 11.13 22.63 1.86
N ARG A 361 9.98 22.32 1.20
CA ARG A 361 8.65 22.54 1.80
C ARG A 361 8.51 21.53 2.96
N LEU A 362 8.95 20.26 2.74
CA LEU A 362 8.95 19.19 3.77
C LEU A 362 10.02 19.48 4.86
N LYS A 363 11.13 20.12 4.49
CA LYS A 363 12.15 20.53 5.45
C LYS A 363 11.61 21.59 6.42
N ARG A 364 10.69 22.49 5.97
CA ARG A 364 10.11 23.47 6.91
C ARG A 364 9.07 22.79 7.83
N LEU A 365 8.44 21.67 7.39
CA LEU A 365 7.50 20.92 8.22
C LEU A 365 8.25 20.23 9.35
N ILE A 366 9.46 19.72 9.08
CA ILE A 366 10.34 19.05 10.05
C ILE A 366 10.92 20.08 11.06
N MET A 367 11.16 21.34 10.62
CA MET A 367 11.67 22.43 11.47
C MET A 367 10.61 22.97 12.46
N MET A 368 9.33 22.60 12.26
CA MET A 368 8.18 22.99 13.09
C MET A 368 7.91 22.01 14.25
N GLU A 369 8.59 20.86 14.25
CA GLU A 369 8.45 19.80 15.26
C GLU A 369 9.43 19.93 16.43
N LYS A 370 9.11 19.28 17.57
CA LYS A 370 9.94 19.24 18.78
C LYS A 370 10.87 18.00 18.73
N ASP A 371 12.12 18.13 19.20
CA ASP A 371 13.11 17.05 19.22
C ASP A 371 12.83 15.99 20.28
N HIS A 375 17.03 14.64 18.46
CA HIS A 375 17.57 13.61 17.57
C HIS A 375 16.52 13.12 16.56
N THR A 376 15.22 13.22 16.94
CA THR A 376 14.07 12.80 16.13
C THR A 376 13.93 13.67 14.84
N ARG A 377 14.48 14.91 14.86
CA ARG A 377 14.48 15.85 13.73
C ARG A 377 15.50 15.39 12.68
N GLU A 378 16.66 14.88 13.14
CA GLU A 378 17.75 14.32 12.33
C GLU A 378 17.28 13.02 11.65
N THR A 379 16.44 12.22 12.34
CA THR A 379 15.86 10.98 11.84
C THR A 379 14.95 11.28 10.63
N HIS A 380 14.06 12.29 10.77
CA HIS A 380 13.13 12.68 9.71
C HIS A 380 13.88 13.28 8.53
N PHE A 381 15.00 14.01 8.76
CA PHE A 381 15.82 14.56 7.69
C PHE A 381 16.46 13.42 6.88
N ASN A 382 16.95 12.39 7.58
CA ASN A 382 17.52 11.17 7.00
C ASN A 382 16.48 10.42 6.18
N ASN A 383 15.25 10.20 6.74
CA ASN A 383 14.16 9.50 6.03
C ASN A 383 13.79 10.24 4.77
N LEU A 384 13.75 11.58 4.82
CA LEU A 384 13.43 12.45 3.68
C LEU A 384 14.52 12.31 2.60
N TYR A 385 15.77 12.33 3.04
CA TYR A 385 16.94 12.20 2.17
C TYR A 385 16.93 10.89 1.39
N SER A 386 16.45 9.79 2.03
CA SER A 386 16.29 8.46 1.44
C SER A 386 15.23 8.51 0.33
N MET A 387 14.15 9.28 0.55
CA MET A 387 13.10 9.48 -0.45
C MET A 387 13.61 10.34 -1.64
N VAL A 388 14.42 11.40 -1.39
CA VAL A 388 14.99 12.24 -2.45
C VAL A 388 15.90 11.37 -3.34
N HIS A 389 16.73 10.48 -2.72
CA HIS A 389 17.62 9.55 -3.44
CA HIS A 389 17.61 9.56 -3.44
C HIS A 389 16.83 8.70 -4.43
N TYR A 390 15.67 8.14 -4.01
CA TYR A 390 14.78 7.33 -4.87
C TYR A 390 14.36 8.19 -6.07
N CYS A 391 14.00 9.46 -5.83
CA CYS A 391 13.60 10.40 -6.89
C CYS A 391 14.73 10.74 -7.85
N GLU A 392 15.92 10.96 -7.31
CA GLU A 392 17.10 11.31 -8.08
C GLU A 392 17.71 10.11 -8.81
N ASN A 393 17.50 8.88 -8.31
CA ASN A 393 18.01 7.67 -8.93
C ASN A 393 17.13 7.33 -10.12
N ILE A 394 17.53 7.83 -11.30
CA ILE A 394 16.89 7.68 -12.59
C ILE A 394 17.48 6.50 -13.39
N THR A 395 18.40 5.75 -12.74
CA THR A 395 19.15 4.63 -13.30
C THR A 395 18.64 3.24 -12.83
N GLU A 396 18.71 2.96 -11.51
CA GLU A 396 18.31 1.68 -10.92
C GLU A 396 16.79 1.44 -10.99
N CYS A 397 16.40 0.17 -11.26
CA CYS A 397 15.01 -0.32 -11.32
C CYS A 397 14.25 0.14 -10.04
N ARG A 398 13.08 0.78 -10.22
CA ARG A 398 12.26 1.33 -9.12
C ARG A 398 11.81 0.26 -8.12
N ARG A 399 11.52 -0.97 -8.63
CA ARG A 399 11.15 -2.15 -7.81
C ARG A 399 12.33 -2.55 -6.92
N ILE A 400 13.54 -2.67 -7.54
CA ILE A 400 14.75 -3.05 -6.84
C ILE A 400 15.14 -1.99 -5.79
N GLN A 401 14.90 -0.69 -6.10
CA GLN A 401 15.20 0.40 -5.17
C GLN A 401 14.38 0.29 -3.89
N LEU A 402 13.06 0.12 -4.03
CA LEU A 402 12.14 -0.01 -2.91
C LEU A 402 12.43 -1.28 -2.10
N LEU A 403 12.66 -2.40 -2.80
CA LEU A 403 12.95 -3.66 -2.15
C LEU A 403 14.29 -3.68 -1.43
N ALA A 404 15.35 -3.11 -2.05
CA ALA A 404 16.69 -3.03 -1.43
C ALA A 404 16.63 -2.16 -0.20
N TYR A 405 15.81 -1.07 -0.24
CA TYR A 405 15.61 -0.18 0.90
C TYR A 405 15.03 -0.94 2.13
N PHE A 406 14.18 -1.97 1.90
CA PHE A 406 13.61 -2.79 2.97
C PHE A 406 14.35 -4.15 3.13
N GLY A 407 15.65 -4.15 2.89
CA GLY A 407 16.51 -5.32 3.04
C GLY A 407 16.22 -6.55 2.19
N GLU A 408 15.59 -6.37 1.01
CA GLU A 408 15.33 -7.49 0.09
C GLU A 408 16.30 -7.43 -1.11
N ASN A 409 17.34 -8.28 -1.06
CA ASN A 409 18.37 -8.36 -2.10
C ASN A 409 18.36 -9.73 -2.77
N GLY A 410 18.98 -9.80 -3.95
CA GLY A 410 19.01 -11.02 -4.76
C GLY A 410 17.88 -11.09 -5.76
N PHE A 411 16.97 -10.07 -5.71
CA PHE A 411 15.82 -9.89 -6.60
C PHE A 411 16.30 -9.70 -8.04
N ASN A 412 15.58 -10.31 -9.01
CA ASN A 412 15.89 -10.25 -10.44
C ASN A 412 15.77 -8.81 -11.00
N PRO A 413 16.90 -8.16 -11.38
CA PRO A 413 16.82 -6.81 -11.95
C PRO A 413 16.29 -6.82 -13.40
N ASP A 414 16.01 -8.04 -13.93
CA ASP A 414 15.49 -8.32 -15.26
C ASP A 414 13.96 -8.57 -15.23
N PHE A 415 13.29 -8.30 -14.06
CA PHE A 415 11.84 -8.50 -13.87
C PHE A 415 11.02 -7.64 -14.81
N CYS A 416 11.26 -6.31 -14.80
CA CYS A 416 10.58 -5.32 -15.65
C CYS A 416 10.87 -5.52 -17.13
N LYS A 417 11.97 -6.23 -17.46
CA LYS A 417 12.39 -6.59 -18.81
C LYS A 417 11.66 -7.88 -19.25
N LYS A 418 11.55 -8.87 -18.36
CA LYS A 418 10.85 -10.15 -18.59
C LYS A 418 9.34 -9.93 -18.69
N HIS A 419 8.81 -8.98 -17.90
CA HIS A 419 7.39 -8.63 -17.89
C HIS A 419 7.27 -7.12 -18.26
N PRO A 420 7.35 -6.76 -19.57
CA PRO A 420 7.33 -5.33 -19.96
C PRO A 420 6.02 -4.58 -19.72
N ASP A 421 4.88 -5.29 -19.59
CA ASP A 421 3.55 -4.72 -19.35
C ASP A 421 3.42 -4.03 -17.99
N VAL A 422 4.29 -4.41 -17.01
CA VAL A 422 4.36 -3.91 -15.62
C VAL A 422 5.76 -3.31 -15.29
N SER A 423 6.45 -2.80 -16.32
CA SER A 423 7.77 -2.21 -16.17
C SER A 423 7.73 -0.82 -15.50
N CYS A 424 8.77 -0.52 -14.71
CA CYS A 424 8.91 0.79 -14.09
C CYS A 424 9.60 1.71 -15.14
N ASP A 425 9.56 3.04 -14.94
CA ASP A 425 10.13 4.00 -15.88
C ASP A 425 11.67 3.89 -16.07
N ASN A 426 12.42 3.47 -15.02
CA ASN A 426 13.88 3.36 -15.08
C ASN A 426 14.33 2.18 -15.95
N CYS A 427 13.53 1.12 -16.00
CA CYS A 427 13.83 -0.03 -16.85
C CYS A 427 13.49 0.25 -18.33
N CYS A 428 12.49 1.13 -18.57
CA CYS A 428 12.08 1.57 -19.91
C CYS A 428 13.14 2.55 -20.48
N LYS A 429 13.62 3.48 -19.62
CA LYS A 429 14.64 4.47 -19.97
C LYS A 429 16.05 3.90 -19.76
N TYR A 433 25.05 6.86 -18.80
CA TYR A 433 25.64 6.44 -17.54
C TYR A 433 27.19 6.37 -17.60
N LYS A 434 27.85 7.30 -16.86
CA LYS A 434 29.32 7.41 -16.74
C LYS A 434 29.71 7.55 -15.25
N THR A 435 30.95 8.01 -14.95
CA THR A 435 31.50 8.24 -13.60
C THR A 435 32.73 9.15 -13.69
N ARG A 436 32.86 10.08 -12.72
CA ARG A 436 33.98 11.02 -12.65
C ARG A 436 34.37 11.34 -11.21
N ASP A 437 35.67 11.56 -10.97
CA ASP A 437 36.23 11.98 -9.68
C ASP A 437 36.19 13.53 -9.66
N VAL A 438 35.04 14.08 -9.31
CA VAL A 438 34.75 15.51 -9.27
C VAL A 438 35.27 16.20 -7.97
N THR A 439 36.15 15.55 -7.21
CA THR A 439 36.69 16.04 -5.93
C THR A 439 37.32 17.46 -6.06
N ASP A 440 38.02 17.73 -7.18
CA ASP A 440 38.62 19.04 -7.45
C ASP A 440 37.53 20.09 -7.60
N ASP A 441 36.44 19.75 -8.32
CA ASP A 441 35.29 20.62 -8.51
C ASP A 441 34.56 20.93 -7.20
N VAL A 442 34.31 19.91 -6.36
CA VAL A 442 33.61 20.08 -5.09
C VAL A 442 34.47 20.91 -4.10
N LYS A 443 35.80 20.70 -4.10
CA LYS A 443 36.74 21.49 -3.29
C LYS A 443 36.63 22.97 -3.65
N SER A 444 36.48 23.30 -4.96
CA SER A 444 36.30 24.68 -5.45
C SER A 444 34.90 25.22 -5.05
N ILE A 445 33.84 24.39 -5.16
CA ILE A 445 32.47 24.75 -4.73
C ILE A 445 32.51 25.09 -3.20
N VAL A 446 33.11 24.19 -2.37
CA VAL A 446 33.21 24.32 -0.90
C VAL A 446 33.93 25.62 -0.50
N ARG A 447 35.11 25.92 -1.10
CA ARG A 447 35.86 27.15 -0.84
C ARG A 447 35.05 28.38 -1.27
N PHE A 448 34.26 28.26 -2.33
CA PHE A 448 33.39 29.34 -2.80
C PHE A 448 32.20 29.58 -1.85
N VAL A 449 31.49 28.52 -1.36
CA VAL A 449 30.37 28.77 -0.45
C VAL A 449 30.90 29.20 0.94
N GLN A 450 32.15 28.84 1.30
CA GLN A 450 32.77 29.26 2.55
C GLN A 450 32.92 30.80 2.58
N GLU A 451 33.45 31.36 1.48
CA GLU A 451 33.60 32.81 1.28
C GLU A 451 32.26 33.57 1.18
N HIS A 452 31.20 32.90 0.73
CA HIS A 452 29.88 33.52 0.62
C HIS A 452 28.87 32.93 1.66
N SER A 453 29.34 32.83 2.92
CA SER A 453 28.62 32.34 4.12
C SER A 453 29.16 33.08 5.34
N PRO A 466 18.51 32.56 6.86
CA PRO A 466 19.72 32.80 6.05
C PRO A 466 21.01 32.70 6.85
N SER A 467 22.08 32.22 6.19
CA SER A 467 23.44 32.02 6.71
C SER A 467 24.43 32.00 5.54
N GLY A 468 23.90 31.76 4.34
CA GLY A 468 24.61 31.77 3.06
C GLY A 468 24.08 32.89 2.20
N ARG A 469 24.85 33.32 1.18
CA ARG A 469 24.43 34.42 0.31
C ARG A 469 23.61 33.94 -0.89
N PHE A 470 23.89 32.74 -1.39
CA PHE A 470 23.22 32.19 -2.57
C PHE A 470 22.33 31.00 -2.30
N THR A 471 21.37 30.78 -3.20
CA THR A 471 20.52 29.59 -3.14
C THR A 471 21.15 28.55 -4.09
N MET A 472 20.60 27.33 -4.12
CA MET A 472 21.09 26.30 -5.03
C MET A 472 20.97 26.73 -6.48
N ASN A 473 19.80 27.32 -6.92
CA ASN A 473 19.58 27.83 -8.27
C ASN A 473 20.61 28.88 -8.68
N MET A 474 20.93 29.83 -7.76
CA MET A 474 21.93 30.85 -7.94
C MET A 474 23.29 30.21 -8.15
N LEU A 475 23.65 29.23 -7.29
CA LEU A 475 24.91 28.47 -7.35
C LEU A 475 25.07 27.73 -8.70
N VAL A 476 23.99 27.08 -9.19
CA VAL A 476 23.95 26.39 -10.49
C VAL A 476 24.24 27.40 -11.64
N ASP A 477 23.60 28.60 -11.63
CA ASP A 477 23.84 29.67 -12.63
C ASP A 477 25.30 30.11 -12.67
N ILE A 478 25.88 30.40 -11.49
CA ILE A 478 27.27 30.81 -11.33
C ILE A 478 28.17 29.68 -11.89
N PHE A 479 28.04 28.46 -11.35
CA PHE A 479 28.83 27.30 -11.78
C PHE A 479 28.90 27.09 -13.29
N LEU A 480 27.75 27.17 -13.97
CA LEU A 480 27.61 26.97 -15.39
C LEU A 480 28.07 28.16 -16.20
N GLY A 481 28.25 29.29 -15.54
CA GLY A 481 28.66 30.54 -16.17
C GLY A 481 27.52 31.19 -16.93
N SER A 482 26.27 31.06 -16.40
CA SER A 482 25.04 31.63 -17.00
C SER A 482 25.08 33.17 -16.94
N LYS A 483 24.45 33.85 -17.92
CA LYS A 483 24.41 35.33 -17.96
C LYS A 483 23.61 35.88 -16.79
N SER A 484 22.67 35.05 -16.28
CA SER A 484 21.78 35.27 -15.14
C SER A 484 22.47 35.11 -13.75
N ALA A 485 23.76 34.69 -13.72
CA ALA A 485 24.56 34.52 -12.50
C ALA A 485 24.63 35.84 -11.73
N LYS A 486 24.55 35.75 -10.39
CA LYS A 486 24.57 36.91 -9.49
C LYS A 486 25.99 37.42 -9.18
N ILE A 487 27.02 36.64 -9.59
CA ILE A 487 28.46 36.92 -9.45
C ILE A 487 29.18 36.25 -10.63
N GLN A 488 30.12 36.97 -11.24
CA GLN A 488 30.84 36.49 -12.41
C GLN A 488 32.32 36.23 -12.12
N SER A 489 32.64 35.80 -10.89
CA SER A 489 33.97 35.44 -10.45
C SER A 489 33.90 34.15 -9.62
N GLY A 490 35.05 33.64 -9.16
CA GLY A 490 35.15 32.41 -8.37
C GLY A 490 34.94 31.14 -9.17
N ILE A 491 33.84 30.43 -8.90
CA ILE A 491 33.45 29.21 -9.62
C ILE A 491 32.63 29.50 -10.89
N PHE A 492 32.43 30.80 -11.24
CA PHE A 492 31.70 31.23 -12.44
C PHE A 492 32.34 30.57 -13.66
N GLY A 493 31.55 29.75 -14.34
CA GLY A 493 32.00 29.01 -15.51
C GLY A 493 32.82 27.76 -15.21
N LYS A 494 33.19 27.50 -13.93
CA LYS A 494 33.95 26.31 -13.52
C LYS A 494 33.32 24.98 -13.99
N GLY A 495 31.99 24.96 -14.10
CA GLY A 495 31.20 23.81 -14.55
C GLY A 495 30.77 23.91 -16.00
N SER A 496 31.65 24.47 -16.87
CA SER A 496 31.42 24.64 -18.31
C SER A 496 31.24 23.28 -19.04
N ALA A 497 31.78 22.20 -18.47
CA ALA A 497 31.71 20.87 -19.06
C ALA A 497 30.43 20.10 -18.62
N TYR A 498 29.67 20.68 -17.70
CA TYR A 498 28.41 20.11 -17.23
C TYR A 498 27.24 20.75 -17.94
N SER A 499 26.22 19.95 -18.25
CA SER A 499 24.95 20.44 -18.77
C SER A 499 24.16 20.95 -17.52
N ARG A 500 23.08 21.74 -17.74
CA ARG A 500 22.25 22.28 -16.66
C ARG A 500 21.69 21.16 -15.76
N HIS A 501 21.24 20.08 -16.38
CA HIS A 501 20.68 18.90 -15.72
C HIS A 501 21.72 18.26 -14.80
N ASN A 502 22.98 18.12 -15.28
CA ASN A 502 24.07 17.54 -14.52
C ASN A 502 24.60 18.44 -13.42
N ALA A 503 24.63 19.76 -13.63
CA ALA A 503 25.05 20.74 -12.63
C ALA A 503 24.04 20.73 -11.45
N GLU A 504 22.72 20.73 -11.77
CA GLU A 504 21.64 20.69 -10.79
C GLU A 504 21.72 19.43 -9.93
N ARG A 505 21.97 18.26 -10.59
CA ARG A 505 22.16 16.95 -9.96
C ARG A 505 23.42 16.95 -9.10
N LEU A 506 24.52 17.60 -9.56
CA LEU A 506 25.76 17.65 -8.79
C LEU A 506 25.56 18.36 -7.46
N PHE A 507 24.84 19.52 -7.46
CA PHE A 507 24.60 20.31 -6.25
C PHE A 507 23.64 19.60 -5.31
N LYS A 508 22.60 18.93 -5.86
CA LYS A 508 21.66 18.15 -5.03
C LYS A 508 22.39 17.03 -4.31
N LYS A 509 23.36 16.39 -4.99
CA LYS A 509 24.19 15.31 -4.46
C LYS A 509 25.03 15.78 -3.26
N LEU A 510 25.59 17.00 -3.34
CA LEU A 510 26.44 17.57 -2.28
C LEU A 510 25.65 17.87 -1.03
N ILE A 511 24.38 18.28 -1.20
CA ILE A 511 23.48 18.55 -0.06
C ILE A 511 23.09 17.23 0.61
N LEU A 512 22.80 16.19 -0.20
CA LEU A 512 22.42 14.87 0.30
C LEU A 512 23.58 14.20 0.95
N ASP A 513 24.81 14.44 0.44
CA ASP A 513 26.04 13.87 0.98
C ASP A 513 26.58 14.64 2.19
N LYS A 514 25.87 15.72 2.61
CA LYS A 514 26.19 16.55 3.79
C LYS A 514 27.46 17.40 3.62
N ILE A 515 27.97 17.49 2.36
CA ILE A 515 29.10 18.34 2.00
C ILE A 515 28.58 19.78 2.08
N LEU A 516 27.38 20.00 1.58
CA LEU A 516 26.75 21.32 1.65
C LEU A 516 25.50 21.15 2.46
N ASP A 517 24.95 22.26 2.97
CA ASP A 517 23.74 22.24 3.78
C ASP A 517 22.82 23.38 3.35
N GLU A 518 21.58 23.35 3.83
CA GLU A 518 20.60 24.37 3.52
C GLU A 518 20.01 24.98 4.78
N ASP A 519 19.96 26.32 4.84
CA ASP A 519 19.33 27.06 5.93
C ASP A 519 18.07 27.70 5.39
N LEU A 520 16.92 27.33 5.95
CA LEU A 520 15.65 27.87 5.47
C LEU A 520 15.40 29.24 6.05
N TYR A 521 15.00 30.16 5.17
CA TYR A 521 14.67 31.54 5.49
C TYR A 521 13.21 31.79 5.05
N ILE A 522 12.39 32.34 5.95
CA ILE A 522 10.99 32.64 5.62
C ILE A 522 10.92 34.09 5.15
N ASN A 523 10.57 34.29 3.87
CA ASN A 523 10.47 35.62 3.28
C ASN A 523 9.16 36.36 3.66
N ALA A 524 8.89 37.52 3.03
CA ALA A 524 7.70 38.33 3.29
C ALA A 524 6.38 37.73 2.77
N ASN A 525 6.46 36.60 2.03
CA ASN A 525 5.30 35.90 1.46
C ASN A 525 5.12 34.48 2.00
N ASP A 526 5.75 34.20 3.17
CA ASP A 526 5.72 32.90 3.87
C ASP A 526 6.31 31.74 3.03
N GLN A 527 7.23 32.08 2.11
CA GLN A 527 7.93 31.12 1.25
C GLN A 527 9.22 30.72 1.92
N ALA A 528 9.48 29.42 1.97
CA ALA A 528 10.69 28.86 2.53
C ALA A 528 11.78 28.92 1.44
N ILE A 529 12.85 29.70 1.71
CA ILE A 529 13.95 29.87 0.79
C ILE A 529 15.19 29.21 1.37
N ALA A 530 15.80 28.26 0.61
CA ALA A 530 16.98 27.55 1.07
C ALA A 530 18.29 28.14 0.55
N TYR A 531 19.05 28.73 1.49
CA TYR A 531 20.38 29.29 1.23
C TYR A 531 21.42 28.25 1.61
N VAL A 532 22.40 28.09 0.72
CA VAL A 532 23.44 27.10 0.79
C VAL A 532 24.62 27.58 1.63
N MET A 533 25.07 26.72 2.52
CA MET A 533 26.18 26.93 3.43
C MET A 533 26.97 25.63 3.45
N LEU A 534 28.01 25.57 4.25
CA LEU A 534 28.80 24.35 4.39
C LEU A 534 28.10 23.39 5.32
N GLY A 535 28.15 22.11 4.96
CA GLY A 535 27.58 21.03 5.74
C GLY A 535 28.66 20.45 6.61
N ASN A 536 28.29 19.52 7.50
CA ASN A 536 29.20 18.85 8.44
C ASN A 536 30.39 18.13 7.78
N LYS A 537 30.26 17.72 6.50
CA LYS A 537 31.30 16.97 5.77
C LYS A 537 32.20 17.84 4.83
N ALA A 538 32.01 19.20 4.83
CA ALA A 538 32.82 20.14 4.03
C ALA A 538 34.30 20.15 4.43
N GLN A 539 34.61 20.28 5.75
CA GLN A 539 36.00 20.28 6.23
C GLN A 539 36.70 18.93 5.93
N THR A 540 35.95 17.82 5.90
CA THR A 540 36.45 16.49 5.58
C THR A 540 36.84 16.37 4.09
N VAL A 541 36.14 17.09 3.19
CA VAL A 541 36.46 17.02 1.76
C VAL A 541 37.79 17.76 1.46
N LEU A 542 37.98 18.94 2.11
CA LEU A 542 39.17 19.77 1.96
C LEU A 542 40.34 19.30 2.82
N ASN A 543 40.22 19.46 4.18
CA ASN A 543 41.26 19.14 5.17
C ASN A 543 41.69 17.69 5.02
N GLY A 544 40.77 16.76 5.25
CA GLY A 544 41.02 15.34 5.03
C GLY A 544 40.90 15.02 3.56
N ASN A 545 40.61 13.75 3.24
CA ASN A 545 40.42 13.40 1.83
C ASN A 545 39.23 12.46 1.63
N LEU A 546 38.07 13.09 1.46
CA LEU A 546 36.79 12.47 1.17
C LEU A 546 36.69 12.61 -0.35
N LYS A 547 36.91 11.51 -1.08
CA LYS A 547 36.86 11.50 -2.54
C LYS A 547 35.37 11.50 -2.97
N VAL A 548 35.01 12.41 -3.90
CA VAL A 548 33.64 12.58 -4.42
C VAL A 548 33.57 12.10 -5.87
N ASP A 549 32.75 11.07 -6.08
CA ASP A 549 32.50 10.45 -7.38
C ASP A 549 31.08 10.80 -7.78
N PHE A 550 30.93 11.36 -8.98
CA PHE A 550 29.64 11.77 -9.53
C PHE A 550 29.43 11.05 -10.85
N MET A 551 28.21 10.59 -11.07
CA MET A 551 27.89 9.89 -12.31
C MET A 551 26.97 10.75 -13.16
N GLU A 552 27.36 10.95 -14.41
CA GLU A 552 26.64 11.80 -15.35
C GLU A 552 25.53 11.06 -16.10
N THR A 553 24.38 11.73 -16.30
CA THR A 553 23.19 11.21 -16.99
C THR A 553 22.67 12.17 -18.09
N GLU A 554 21.60 11.76 -18.82
CA GLU A 554 20.94 12.55 -19.87
C GLU A 554 19.41 12.36 -19.81
N ASN A 555 18.69 13.43 -19.37
CA ASN A 555 17.22 13.48 -19.25
C ASN A 555 16.69 14.92 -19.31
N LYS A 568 -5.41 -3.34 -33.21
CA LYS A 568 -5.99 -3.28 -31.87
C LYS A 568 -7.52 -3.45 -31.90
N VAL A 569 -8.10 -3.91 -30.74
CA VAL A 569 -9.52 -4.16 -30.44
C VAL A 569 -10.17 -5.26 -31.29
N SER A 570 -11.30 -5.80 -30.78
CA SER A 570 -12.11 -6.85 -31.42
C SER A 570 -13.60 -6.61 -31.10
N GLN A 571 -14.51 -7.14 -31.95
CA GLN A 571 -15.96 -7.02 -31.75
C GLN A 571 -16.34 -7.65 -30.40
N ARG A 572 -15.82 -8.87 -30.15
CA ARG A 572 -16.01 -9.64 -28.91
C ARG A 572 -15.37 -8.94 -27.72
N GLU A 573 -14.14 -8.42 -27.87
CA GLU A 573 -13.40 -7.74 -26.79
C GLU A 573 -14.16 -6.51 -26.27
N GLU A 574 -14.73 -5.73 -27.21
CA GLU A 574 -15.54 -4.54 -26.94
C GLU A 574 -16.85 -4.90 -26.25
N MET A 575 -17.41 -6.09 -26.58
CA MET A 575 -18.63 -6.61 -25.98
C MET A 575 -18.33 -7.09 -24.56
N VAL A 576 -17.12 -7.69 -24.38
CA VAL A 576 -16.58 -8.17 -23.10
C VAL A 576 -16.41 -6.96 -22.18
N LYS A 577 -15.89 -5.83 -22.73
CA LYS A 577 -15.73 -4.56 -22.02
C LYS A 577 -17.11 -3.98 -21.61
N LYS A 578 -18.10 -4.07 -22.49
CA LYS A 578 -19.46 -3.58 -22.27
C LYS A 578 -20.17 -4.39 -21.19
N CYS A 579 -19.98 -5.73 -21.24
CA CYS A 579 -20.56 -6.67 -20.28
C CYS A 579 -19.97 -6.44 -18.89
N LEU A 580 -18.66 -6.08 -18.80
CA LEU A 580 -18.01 -5.81 -17.54
C LEU A 580 -18.61 -4.62 -16.79
N GLY A 581 -18.93 -3.54 -17.51
CA GLY A 581 -19.56 -2.34 -16.97
C GLY A 581 -20.95 -2.62 -16.42
N GLU A 582 -21.70 -3.45 -17.15
CA GLU A 582 -23.05 -3.92 -16.79
C GLU A 582 -22.93 -4.81 -15.51
N LEU A 583 -21.97 -5.75 -15.51
CA LEU A 583 -21.71 -6.66 -14.38
C LEU A 583 -21.36 -5.84 -13.12
N THR A 584 -20.60 -4.76 -13.30
CA THR A 584 -20.22 -3.87 -12.20
C THR A 584 -21.45 -3.15 -11.65
N GLU A 585 -22.33 -2.63 -12.54
CA GLU A 585 -23.56 -1.94 -12.17
C GLU A 585 -24.47 -2.84 -11.36
N VAL A 586 -24.59 -4.13 -11.80
CA VAL A 586 -25.31 -5.20 -11.11
C VAL A 586 -24.80 -5.33 -9.65
N CYS A 587 -23.46 -5.39 -9.46
CA CYS A 587 -22.87 -5.50 -8.13
C CYS A 587 -23.13 -4.29 -7.29
N LYS A 588 -23.12 -3.10 -7.91
CA LYS A 588 -23.49 -1.86 -7.21
C LYS A 588 -24.96 -1.85 -6.76
N SER A 589 -25.93 -2.28 -7.61
CA SER A 589 -27.33 -2.32 -7.14
C SER A 589 -27.53 -3.41 -6.07
N LEU A 590 -26.94 -4.61 -6.26
CA LEU A 590 -26.98 -5.70 -5.27
C LEU A 590 -26.34 -5.25 -3.94
N GLY A 591 -25.28 -4.45 -4.04
CA GLY A 591 -24.58 -3.87 -2.89
C GLY A 591 -25.46 -2.96 -2.06
N LYS A 592 -26.29 -2.13 -2.73
CA LYS A 592 -27.24 -1.24 -2.04
C LYS A 592 -28.30 -2.02 -1.26
N VAL A 593 -28.85 -3.10 -1.85
CA VAL A 593 -29.91 -3.93 -1.23
C VAL A 593 -29.35 -4.87 -0.14
N PHE A 594 -28.12 -5.38 -0.27
CA PHE A 594 -27.50 -6.27 0.73
C PHE A 594 -26.73 -5.51 1.84
N GLY A 595 -26.59 -4.18 1.72
CA GLY A 595 -25.84 -3.33 2.66
C GLY A 595 -24.37 -3.69 2.67
N VAL A 596 -23.85 -4.00 1.48
CA VAL A 596 -22.53 -4.54 1.25
C VAL A 596 -21.82 -3.75 0.13
N HIS A 597 -20.49 -3.60 0.20
CA HIS A 597 -19.70 -2.95 -0.86
C HIS A 597 -19.78 -3.84 -2.09
N TYR A 598 -19.92 -3.24 -3.28
CA TYR A 598 -20.07 -3.97 -4.54
C TYR A 598 -18.98 -5.05 -4.75
N PHE A 599 -17.75 -4.76 -4.31
CA PHE A 599 -16.65 -5.68 -4.52
C PHE A 599 -16.70 -6.92 -3.59
N ASN A 600 -17.63 -6.91 -2.61
CA ASN A 600 -17.87 -8.02 -1.70
C ASN A 600 -18.95 -8.93 -2.25
N ILE A 601 -19.66 -8.51 -3.31
CA ILE A 601 -20.62 -9.36 -4.02
C ILE A 601 -19.74 -10.25 -4.91
N PHE A 602 -19.00 -9.67 -5.86
CA PHE A 602 -18.01 -10.36 -6.70
C PHE A 602 -16.88 -9.40 -6.83
N ASN A 603 -15.64 -9.87 -6.67
CA ASN A 603 -14.48 -9.03 -6.83
C ASN A 603 -14.19 -8.74 -8.31
N THR A 604 -13.25 -7.83 -8.59
CA THR A 604 -12.80 -7.39 -9.90
C THR A 604 -12.28 -8.50 -10.80
N VAL A 605 -11.51 -9.45 -10.24
CA VAL A 605 -10.96 -10.58 -11.01
C VAL A 605 -12.10 -11.54 -11.47
N THR A 606 -13.04 -11.84 -10.54
CA THR A 606 -14.21 -12.68 -10.81
C THR A 606 -15.07 -12.02 -11.87
N LEU A 607 -15.41 -10.73 -11.68
CA LEU A 607 -16.16 -9.93 -12.64
C LEU A 607 -15.49 -9.91 -14.00
N LYS A 608 -14.15 -9.68 -14.04
CA LYS A 608 -13.36 -9.65 -15.29
C LYS A 608 -13.51 -10.97 -16.06
N LYS A 609 -13.21 -12.09 -15.39
CA LYS A 609 -13.31 -13.45 -15.94
C LYS A 609 -14.72 -13.82 -16.41
N LEU A 610 -15.75 -13.36 -15.68
CA LEU A 610 -17.18 -13.57 -15.98
C LEU A 610 -17.50 -12.86 -17.30
N ALA A 611 -17.04 -11.60 -17.45
CA ALA A 611 -17.25 -10.82 -18.67
C ALA A 611 -16.51 -11.44 -19.87
N GLU A 612 -15.28 -11.96 -19.64
CA GLU A 612 -14.48 -12.59 -20.69
C GLU A 612 -15.16 -13.83 -21.25
N SER A 613 -15.79 -14.64 -20.39
CA SER A 613 -16.52 -15.86 -20.77
C SER A 613 -17.75 -15.62 -21.67
N LEU A 614 -18.52 -14.53 -21.40
CA LEU A 614 -19.80 -14.18 -22.05
C LEU A 614 -20.79 -15.35 -22.02
N SER A 615 -20.69 -16.19 -20.96
CA SER A 615 -21.49 -17.39 -20.75
C SER A 615 -22.58 -17.21 -19.69
N SER A 616 -23.71 -17.89 -19.88
CA SER A 616 -24.86 -17.89 -18.97
C SER A 616 -25.11 -19.35 -18.48
N ASP A 617 -24.10 -20.22 -18.67
CA ASP A 617 -24.15 -21.62 -18.29
C ASP A 617 -23.39 -21.83 -16.97
N PRO A 618 -24.09 -22.27 -15.90
CA PRO A 618 -23.41 -22.45 -14.58
C PRO A 618 -22.21 -23.40 -14.60
N GLU A 619 -22.25 -24.47 -15.41
CA GLU A 619 -21.15 -25.45 -15.55
C GLU A 619 -19.83 -24.76 -15.93
N VAL A 620 -19.92 -23.72 -16.78
CA VAL A 620 -18.81 -22.89 -17.27
C VAL A 620 -18.45 -21.85 -16.19
N LEU A 621 -19.45 -21.22 -15.56
CA LEU A 621 -19.27 -20.19 -14.55
C LEU A 621 -18.58 -20.71 -13.28
N LEU A 622 -18.83 -21.98 -12.89
CA LEU A 622 -18.22 -22.59 -11.72
C LEU A 622 -16.71 -22.88 -11.84
N GLN A 623 -16.12 -22.75 -13.05
CA GLN A 623 -14.66 -22.93 -13.19
C GLN A 623 -13.90 -21.60 -12.98
N ILE A 624 -14.65 -20.51 -12.77
CA ILE A 624 -14.13 -19.17 -12.53
C ILE A 624 -13.83 -18.97 -11.04
N ASP A 625 -12.64 -18.46 -10.71
CA ASP A 625 -12.23 -18.18 -9.32
C ASP A 625 -13.25 -17.21 -8.70
N GLY A 626 -13.76 -17.58 -7.53
CA GLY A 626 -14.68 -16.77 -6.76
C GLY A 626 -16.15 -17.01 -7.05
N VAL A 627 -16.45 -17.84 -8.07
CA VAL A 627 -17.84 -18.17 -8.44
C VAL A 627 -18.19 -19.41 -7.66
N THR A 628 -19.26 -19.35 -6.88
CA THR A 628 -19.65 -20.43 -5.98
C THR A 628 -21.16 -20.74 -6.14
N GLU A 629 -21.60 -21.93 -5.73
CA GLU A 629 -23.01 -22.32 -5.81
C GLU A 629 -23.85 -21.36 -4.95
N ASP A 630 -23.40 -21.09 -3.72
CA ASP A 630 -24.04 -20.17 -2.76
C ASP A 630 -24.22 -18.75 -3.36
N LYS A 631 -23.23 -18.25 -4.12
CA LYS A 631 -23.27 -16.93 -4.76
C LYS A 631 -24.14 -16.93 -6.01
N LEU A 632 -24.10 -17.99 -6.83
CA LEU A 632 -24.95 -18.07 -8.00
C LEU A 632 -26.42 -18.15 -7.57
N GLU A 633 -26.72 -18.67 -6.36
CA GLU A 633 -28.09 -18.74 -5.82
C GLU A 633 -28.56 -17.34 -5.40
N LYS A 634 -27.69 -16.61 -4.69
CA LYS A 634 -27.95 -15.26 -4.18
C LYS A 634 -27.96 -14.19 -5.26
N TYR A 635 -26.94 -14.17 -6.10
CA TYR A 635 -26.70 -13.12 -7.08
C TYR A 635 -26.82 -13.54 -8.52
N GLY A 636 -26.89 -14.84 -8.75
CA GLY A 636 -26.91 -15.45 -10.08
C GLY A 636 -27.92 -14.96 -11.06
N ALA A 637 -29.17 -14.71 -10.63
CA ALA A 637 -30.25 -14.25 -11.52
C ALA A 637 -29.92 -12.92 -12.21
N GLU A 638 -29.49 -11.92 -11.42
CA GLU A 638 -29.07 -10.59 -11.86
C GLU A 638 -27.82 -10.69 -12.76
N VAL A 639 -26.82 -11.52 -12.37
CA VAL A 639 -25.56 -11.71 -13.12
C VAL A 639 -25.79 -12.46 -14.45
N ILE A 640 -26.51 -13.60 -14.44
CA ILE A 640 -26.81 -14.41 -15.64
C ILE A 640 -27.66 -13.60 -16.65
N SER A 641 -28.59 -12.74 -16.18
CA SER A 641 -29.43 -11.90 -17.07
C SER A 641 -28.57 -10.87 -17.88
N VAL A 642 -27.43 -10.43 -17.34
CA VAL A 642 -26.55 -9.54 -18.08
C VAL A 642 -25.82 -10.35 -19.16
N LEU A 643 -25.21 -11.48 -18.76
CA LEU A 643 -24.45 -12.39 -19.62
C LEU A 643 -25.24 -12.95 -20.80
N GLN A 644 -26.55 -13.25 -20.60
CA GLN A 644 -27.38 -13.81 -21.65
C GLN A 644 -27.63 -12.83 -22.81
N LYS A 645 -27.47 -11.51 -22.59
CA LYS A 645 -27.64 -10.46 -23.61
C LYS A 645 -26.47 -10.45 -24.62
N TYR A 646 -25.35 -11.10 -24.28
CA TYR A 646 -24.12 -11.19 -25.07
C TYR A 646 -23.96 -12.58 -25.69
N SER A 647 -25.05 -13.39 -25.66
CA SER A 647 -25.17 -14.77 -26.18
C SER A 647 -24.58 -15.00 -27.57
N GLU A 648 -24.75 -14.03 -28.50
CA GLU A 648 -24.24 -14.12 -29.88
C GLU A 648 -22.71 -14.04 -29.97
N TRP A 649 -22.06 -13.30 -29.04
CA TRP A 649 -20.61 -13.08 -29.01
C TRP A 649 -19.83 -14.07 -28.15
N THR A 650 -20.52 -14.98 -27.42
CA THR A 650 -19.97 -16.02 -26.55
C THR A 650 -18.88 -16.87 -27.23
N SER A 651 -19.13 -17.28 -28.48
CA SER A 651 -18.23 -18.12 -29.26
C SER A 651 -17.47 -17.35 -30.37
N PRO A 652 -16.11 -17.25 -30.27
CA PRO A 652 -15.34 -16.54 -31.32
C PRO A 652 -15.22 -17.36 -32.60
CA CA D . -6.07 -8.35 5.09
ZN ZN E . 12.43 -1.92 -13.16
PB ADP F . -3.94 -9.80 2.08
O1B ADP F . -4.61 -9.92 3.46
O2B ADP F . -2.62 -10.58 1.92
O3B ADP F . -3.65 -8.24 1.79
PA ADP F . -6.26 -11.03 0.71
O1A ADP F . -6.57 -12.16 1.61
O2A ADP F . -7.26 -9.91 0.97
O3A ADP F . -4.79 -10.45 0.89
O5' ADP F . -6.20 -11.51 -0.81
C5' ADP F . -6.14 -10.66 -1.98
C4' ADP F . -7.12 -11.19 -3.01
O4' ADP F . -6.68 -12.47 -3.53
C3' ADP F . -8.56 -11.39 -2.54
O3' ADP F . -9.44 -10.93 -3.55
C2' ADP F . -8.65 -12.91 -2.35
O2' ADP F . -9.99 -13.37 -2.42
C1' ADP F . -7.74 -13.40 -3.47
N9 ADP F . -7.17 -14.73 -3.29
C8 ADP F . -6.48 -15.19 -2.19
N7 ADP F . -6.02 -16.41 -2.32
C5 ADP F . -6.42 -16.79 -3.59
C6 ADP F . -6.19 -17.95 -4.37
N6 ADP F . -5.47 -18.99 -3.94
N1 ADP F . -6.68 -17.98 -5.62
C2 ADP F . -7.36 -16.92 -6.08
N3 ADP F . -7.63 -15.77 -5.45
C4 ADP F . -7.13 -15.76 -4.21
C1 EDO G . -0.40 -9.05 -5.07
O1 EDO G . 0.75 -8.85 -4.20
C2 EDO G . -1.30 -7.77 -5.15
O2 EDO G . -0.54 -6.66 -5.64
C1 EDO H . -16.82 -23.16 -7.52
O1 EDO H . -15.81 -22.50 -8.28
C2 EDO H . -16.85 -24.67 -7.82
O2 EDO H . -17.93 -25.23 -7.09
C1 EDO I . -8.09 -26.00 21.95
O1 EDO I . -6.87 -26.32 22.62
C2 EDO I . -9.21 -25.67 22.99
O2 EDO I . -10.39 -25.21 22.32
C1 EDO J . 11.07 -21.85 11.44
O1 EDO J . 11.23 -23.10 12.09
C2 EDO J . 10.81 -22.06 9.92
O2 EDO J . 9.76 -23.01 9.69
C1 EDO K . 16.07 -5.90 15.69
O1 EDO K . 14.95 -5.06 15.44
C2 EDO K . 17.07 -5.24 16.69
O2 EDO K . 16.50 -5.18 17.99
C1 EDO L . -23.93 0.16 -0.71
O1 EDO L . -23.24 -0.65 -1.66
C2 EDO L . -23.63 -0.33 0.74
O2 EDO L . -22.29 -0.02 1.09
C1 EDO M . -11.62 -33.02 -2.66
O1 EDO M . -12.52 -33.08 -1.56
C2 EDO M . -12.29 -32.30 -3.89
O2 EDO M . -13.12 -31.21 -3.51
C1 EDO N . -26.18 -6.68 -25.92
O1 EDO N . -25.11 -6.53 -26.84
C2 EDO N . -27.14 -5.49 -26.04
O2 EDO N . -26.43 -4.28 -25.80
#